data_6ES9
#
_entry.id   6ES9
#
_cell.length_a   81.596
_cell.length_b   105.193
_cell.length_c   138.939
_cell.angle_alpha   90.000
_cell.angle_beta   90.000
_cell.angle_gamma   90.000
#
_symmetry.space_group_name_H-M   'P 21 21 21'
#
loop_
_entity.id
_entity.type
_entity.pdbx_description
1 polymer 'Acyl-CoA dehydrogenase'
2 non-polymer 'SULFATE ION'
3 non-polymer 'COENZYME A'
4 non-polymer 'FLAVIN-ADENINE DINUCLEOTIDE'
5 water water
#
_entity_poly.entity_id   1
_entity_poly.type   'polypeptide(L)'
_entity_poly.pdbx_seq_one_letter_code
;MKDMPAMPADTPSALLALAGEALPELESLQSRATEALRALVAPAGKPQPALLEQHQHAAHALSWLTTYVESIRQLSGWAG
RLAEAGNLGRIEALILQIGLGEYLGQIAGGIPMSQTEFARLSDLELDWQPGEAAAKLMRGNTAPARAELARLMQDNHGRA
TFGATGLDEDLEMIRDQFRRYAEERVIPNAHEWHLKDQLIPMEIIEELAELGVFGLTIPEEFGGLGLSKASMVVVTEELS
RGYIGVGSLGTRSEIAAELILCGGTEAQKAKWLPGLASGEILSTAVFTEPNTGSDLGSLRTRAVRDGEDWVVTGNKTWIT
HAQRTHVMTLLARTDPETTDWRGLSMFLAEKEPGTDDDPFPTPGMTGGEIEVLGYRGMKEYELGFDGFRIKGENLLGGEP
GRGFKQLMETFESARIQTAARAVGVAQSAAEIGMRYAVDRKQFGKSLIEFPRVADKLAMMAVEIMIARQLTYFSAWEKDH
GRRCDLEAGMAKLLGARVAWAAADNALQIHGGNGFALEYAISRVLCDARILNIFEGAAEIQAQVIARRLLD
;
_entity_poly.pdbx_strand_id   A,B
#
loop_
_chem_comp.id
_chem_comp.type
_chem_comp.name
_chem_comp.formula
COA non-polymer 'COENZYME A' 'C21 H36 N7 O16 P3 S'
FAD non-polymer 'FLAVIN-ADENINE DINUCLEOTIDE' 'C27 H33 N9 O15 P2'
SO4 non-polymer 'SULFATE ION' 'O4 S -2'
#
# COMPACT_ATOMS: atom_id res chain seq x y z
N MET A 7 5.19 -2.85 -42.77
CA MET A 7 6.28 -2.28 -41.97
C MET A 7 6.12 -2.65 -40.48
N PRO A 8 7.22 -2.63 -39.72
CA PRO A 8 7.11 -2.81 -38.27
C PRO A 8 6.13 -1.81 -37.69
N ALA A 9 5.37 -2.28 -36.71
CA ALA A 9 4.30 -1.49 -36.13
C ALA A 9 4.69 -0.85 -34.81
N ASP A 10 5.96 -0.96 -34.39
CA ASP A 10 6.36 -0.44 -33.08
C ASP A 10 7.49 0.57 -33.21
N THR A 11 7.70 1.15 -34.37
CA THR A 11 8.57 2.31 -34.46
C THR A 11 7.84 3.56 -33.96
N PRO A 12 8.59 4.62 -33.62
CA PRO A 12 7.88 5.75 -33.05
C PRO A 12 6.80 6.29 -33.97
N SER A 13 7.09 6.39 -35.28
CA SER A 13 6.13 6.84 -36.28
C SER A 13 4.87 6.01 -36.22
N ALA A 14 5.04 4.67 -36.19
CA ALA A 14 3.88 3.80 -36.23
C ALA A 14 3.09 3.91 -34.95
N LEU A 15 3.78 4.00 -33.79
CA LEU A 15 3.07 4.11 -32.53
C LEU A 15 2.23 5.38 -32.48
N LEU A 16 2.78 6.53 -32.91
CA LEU A 16 2.03 7.78 -32.85
C LEU A 16 0.85 7.75 -33.81
N ALA A 17 1.02 7.13 -34.98
CA ALA A 17 -0.09 7.01 -35.92
C ALA A 17 -1.21 6.15 -35.32
N LEU A 18 -0.84 5.01 -34.75
CA LEU A 18 -1.84 4.15 -34.14
C LEU A 18 -2.53 4.87 -32.99
N ALA A 19 -1.78 5.61 -32.17
CA ALA A 19 -2.42 6.31 -31.05
C ALA A 19 -3.42 7.31 -31.55
N GLY A 20 -3.13 7.99 -32.65
CA GLY A 20 -4.09 8.94 -33.17
C GLY A 20 -5.32 8.23 -33.73
N GLU A 21 -5.13 7.05 -34.31
CA GLU A 21 -6.24 6.29 -34.85
C GLU A 21 -7.13 5.73 -33.72
N ALA A 22 -6.55 5.43 -32.56
CA ALA A 22 -7.30 4.80 -31.46
C ALA A 22 -8.03 5.82 -30.60
N LEU A 23 -7.60 7.08 -30.62
CA LEU A 23 -8.14 8.04 -29.66
C LEU A 23 -9.63 8.29 -29.89
N PRO A 24 -10.14 8.39 -31.11
CA PRO A 24 -11.57 8.66 -31.26
C PRO A 24 -12.47 7.64 -30.58
N GLU A 25 -12.18 6.34 -30.63
CA GLU A 25 -13.08 5.39 -29.98
C GLU A 25 -13.02 5.52 -28.47
N LEU A 26 -11.90 5.96 -27.93
CA LEU A 26 -11.79 6.22 -26.49
C LEU A 26 -12.63 7.43 -26.11
N GLU A 27 -12.60 8.48 -26.91
CA GLU A 27 -13.48 9.61 -26.66
C GLU A 27 -14.94 9.19 -26.75
N SER A 28 -15.27 8.28 -27.66
CA SER A 28 -16.66 7.85 -27.79
C SER A 28 -17.06 7.03 -26.59
N LEU A 29 -16.18 6.16 -26.10
CA LEU A 29 -16.43 5.43 -24.89
C LEU A 29 -16.70 6.38 -23.71
N GLN A 30 -15.88 7.43 -23.55
CA GLN A 30 -16.07 8.37 -22.48
CA GLN A 30 -16.08 8.38 -22.47
C GLN A 30 -17.43 9.08 -22.60
N SER A 31 -17.81 9.43 -23.83
CA SER A 31 -19.13 10.06 -24.05
C SER A 31 -20.25 9.11 -23.71
N ARG A 32 -20.12 7.90 -24.19
CA ARG A 32 -21.18 6.92 -23.83
CA ARG A 32 -21.15 6.89 -23.84
C ARG A 32 -21.33 6.62 -22.24
N ALA A 33 -20.16 6.70 -21.61
CA ALA A 33 -20.15 6.51 -20.17
C ALA A 33 -20.81 7.70 -19.49
N THR A 34 -20.55 8.89 -19.98
CA THR A 34 -21.11 10.10 -19.42
C THR A 34 -22.63 10.07 -19.60
N GLU A 35 -23.09 9.74 -20.80
CA GLU A 35 -24.53 9.69 -21.02
CA GLU A 35 -24.52 9.66 -21.04
C GLU A 35 -25.17 8.63 -20.13
N ALA A 36 -24.51 7.48 -19.95
CA ALA A 36 -25.03 6.40 -19.11
C ALA A 36 -25.13 6.88 -17.68
N LEU A 37 -24.10 7.52 -17.19
CA LEU A 37 -24.17 8.02 -15.83
C LEU A 37 -25.32 9.00 -15.67
N ARG A 38 -25.48 9.87 -16.65
CA ARG A 38 -26.52 10.89 -16.60
C ARG A 38 -27.89 10.24 -16.50
N ALA A 39 -28.11 9.17 -17.23
CA ALA A 39 -29.41 8.49 -17.19
C ALA A 39 -29.63 7.82 -15.82
N LEU A 40 -28.56 7.43 -15.12
CA LEU A 40 -28.67 6.81 -13.80
C LEU A 40 -28.94 7.84 -12.71
N VAL A 41 -28.27 8.99 -12.75
CA VAL A 41 -28.24 9.89 -11.61
C VAL A 41 -29.04 11.16 -11.85
N ALA A 42 -29.38 11.48 -13.12
CA ALA A 42 -30.06 12.74 -13.47
C ALA A 42 -31.13 12.41 -14.49
N PRO A 43 -31.99 11.46 -14.17
CA PRO A 43 -32.90 10.94 -15.19
C PRO A 43 -33.86 11.98 -15.76
N ALA A 44 -34.10 13.10 -15.06
CA ALA A 44 -34.97 14.18 -15.54
C ALA A 44 -34.23 15.44 -15.93
N GLY A 45 -32.92 15.46 -15.77
CA GLY A 45 -32.10 16.61 -16.05
C GLY A 45 -31.20 16.93 -14.88
N LYS A 46 -31.81 17.16 -13.74
CA LYS A 46 -31.03 17.58 -12.59
C LYS A 46 -30.43 16.37 -11.90
N PRO A 47 -29.13 16.35 -11.63
CA PRO A 47 -28.57 15.26 -10.82
C PRO A 47 -29.27 15.25 -9.47
N GLN A 48 -29.65 14.05 -9.01
CA GLN A 48 -30.33 13.86 -7.75
C GLN A 48 -29.32 13.37 -6.72
N PRO A 49 -29.13 14.06 -5.60
CA PRO A 49 -28.18 13.58 -4.58
C PRO A 49 -28.35 12.11 -4.17
N ALA A 50 -29.55 11.62 -3.96
CA ALA A 50 -29.68 10.24 -3.51
C ALA A 50 -29.20 9.26 -4.58
N LEU A 51 -29.42 9.59 -5.85
CA LEU A 51 -28.97 8.71 -6.94
C LEU A 51 -27.48 8.81 -7.15
N LEU A 52 -26.90 10.00 -7.00
CA LEU A 52 -25.47 10.13 -7.07
C LEU A 52 -24.81 9.30 -5.99
N GLU A 53 -25.42 9.24 -4.81
CA GLU A 53 -24.88 8.43 -3.73
C GLU A 53 -25.04 6.94 -4.07
N GLN A 54 -26.24 6.51 -4.45
CA GLN A 54 -26.44 5.09 -4.75
C GLN A 54 -25.44 4.60 -5.77
N HIS A 55 -25.25 5.38 -6.82
CA HIS A 55 -24.44 5.04 -7.97
C HIS A 55 -23.02 5.62 -7.89
N GLN A 56 -22.50 5.82 -6.69
CA GLN A 56 -21.22 6.46 -6.54
C GLN A 56 -20.09 5.67 -7.16
N HIS A 57 -20.12 4.34 -7.13
CA HIS A 57 -19.07 3.57 -7.76
C HIS A 57 -19.05 3.85 -9.26
N ALA A 58 -20.21 3.79 -9.93
CA ALA A 58 -20.26 4.06 -11.35
C ALA A 58 -19.82 5.48 -11.65
N ALA A 59 -20.17 6.42 -10.80
CA ALA A 59 -19.77 7.80 -11.03
C ALA A 59 -18.25 7.94 -10.95
N HIS A 60 -17.63 7.31 -9.95
CA HIS A 60 -16.20 7.43 -9.80
C HIS A 60 -15.51 6.62 -10.88
N ALA A 61 -16.15 5.56 -11.38
CA ALA A 61 -15.58 4.85 -12.50
C ALA A 61 -15.49 5.77 -13.71
N LEU A 62 -16.50 6.59 -13.92
CA LEU A 62 -16.42 7.55 -15.01
C LEU A 62 -15.24 8.48 -14.80
N SER A 63 -15.02 8.94 -13.57
CA SER A 63 -13.90 9.83 -13.32
C SER A 63 -12.59 9.18 -13.68
N TRP A 64 -12.41 7.92 -13.27
CA TRP A 64 -11.16 7.23 -13.53
C TRP A 64 -11.01 6.82 -14.98
N LEU A 65 -12.06 6.38 -15.64
CA LEU A 65 -12.01 6.18 -17.07
C LEU A 65 -11.58 7.44 -17.79
N THR A 66 -12.18 8.55 -17.46
CA THR A 66 -11.86 9.79 -18.12
C THR A 66 -10.41 10.17 -17.85
N THR A 67 -9.94 9.99 -16.62
CA THR A 67 -8.56 10.22 -16.27
C THR A 67 -7.67 9.40 -17.18
N TYR A 68 -8.03 8.16 -17.47
CA TYR A 68 -7.18 7.35 -18.34
C TYR A 68 -7.24 7.80 -19.80
N VAL A 69 -8.42 8.22 -20.30
CA VAL A 69 -8.45 8.74 -21.65
C VAL A 69 -7.57 9.98 -21.75
N GLU A 70 -7.65 10.91 -20.78
CA GLU A 70 -6.82 12.10 -20.81
C GLU A 70 -5.36 11.74 -20.62
N SER A 71 -5.06 10.71 -19.83
CA SER A 71 -3.68 10.26 -19.68
C SER A 71 -3.12 9.81 -21.01
N ILE A 72 -3.90 9.06 -21.79
CA ILE A 72 -3.52 8.56 -23.11
C ILE A 72 -3.35 9.73 -24.05
N ARG A 73 -4.26 10.69 -24.01
CA ARG A 73 -4.16 11.88 -24.88
C ARG A 73 -2.87 12.64 -24.60
N GLN A 74 -2.55 12.88 -23.35
CA GLN A 74 -1.38 13.68 -22.99
C GLN A 74 -0.11 12.91 -23.17
N LEU A 75 -0.12 11.60 -22.98
CA LEU A 75 1.08 10.83 -23.25
C LEU A 75 1.40 10.87 -24.75
N SER A 76 0.38 10.66 -25.56
CA SER A 76 0.52 10.75 -27.01
C SER A 76 0.95 12.15 -27.43
N GLY A 77 0.39 13.18 -26.83
CA GLY A 77 0.77 14.52 -27.19
C GLY A 77 2.22 14.82 -26.87
N TRP A 78 2.64 14.41 -25.68
CA TRP A 78 4.01 14.53 -25.23
C TRP A 78 4.94 13.92 -26.26
N ALA A 79 4.70 12.68 -26.65
CA ALA A 79 5.58 12.02 -27.57
C ALA A 79 5.55 12.68 -28.91
N GLY A 80 4.40 13.17 -29.33
CA GLY A 80 4.33 13.84 -30.63
C GLY A 80 5.13 15.12 -30.65
N ARG A 81 5.10 15.89 -29.58
CA ARG A 81 5.90 17.10 -29.49
C ARG A 81 7.39 16.77 -29.42
N LEU A 82 7.78 15.69 -28.73
CA LEU A 82 9.16 15.25 -28.78
C LEU A 82 9.56 14.96 -30.19
N ALA A 83 8.71 14.25 -30.92
CA ALA A 83 9.08 13.87 -32.29
C ALA A 83 9.25 15.09 -33.16
N GLU A 84 8.47 16.15 -32.94
CA GLU A 84 8.59 17.34 -33.78
C GLU A 84 9.93 18.00 -33.59
N ALA A 85 10.53 17.83 -32.43
CA ALA A 85 11.84 18.39 -32.07
C ALA A 85 12.98 17.40 -32.26
N GLY A 86 12.73 16.20 -32.81
CA GLY A 86 13.78 15.22 -32.95
C GLY A 86 14.20 14.53 -31.67
N ASN A 87 13.36 14.56 -30.66
CA ASN A 87 13.74 14.11 -29.32
C ASN A 87 12.95 12.89 -28.82
N LEU A 88 12.29 12.15 -29.71
CA LEU A 88 11.55 10.94 -29.30
C LEU A 88 12.49 9.75 -29.41
N GLY A 89 13.36 9.63 -28.41
CA GLY A 89 14.36 8.61 -28.38
C GLY A 89 13.84 7.30 -27.85
N ARG A 90 14.73 6.33 -27.69
CA ARG A 90 14.28 4.98 -27.38
C ARG A 90 13.58 4.90 -26.04
N ILE A 91 14.13 5.49 -24.97
CA ILE A 91 13.47 5.37 -23.69
C ILE A 91 12.10 5.98 -23.73
N GLU A 92 11.95 7.10 -24.44
CA GLU A 92 10.67 7.76 -24.50
C GLU A 92 9.67 6.97 -25.33
N ALA A 93 10.12 6.38 -26.45
CA ALA A 93 9.26 5.54 -27.27
C ALA A 93 8.82 4.29 -26.55
N LEU A 94 9.66 3.73 -25.71
CA LEU A 94 9.25 2.58 -24.91
C LEU A 94 8.24 2.98 -23.85
N ILE A 95 8.39 4.15 -23.23
CA ILE A 95 7.40 4.64 -22.27
C ILE A 95 6.06 4.80 -22.98
N LEU A 96 6.08 5.35 -24.18
CA LEU A 96 4.86 5.48 -24.97
C LEU A 96 4.24 4.12 -25.23
N GLN A 97 5.04 3.19 -25.72
CA GLN A 97 4.54 1.86 -26.07
C GLN A 97 3.92 1.17 -24.87
N ILE A 98 4.66 1.10 -23.77
CA ILE A 98 4.22 0.37 -22.61
C ILE A 98 3.06 1.05 -21.93
N GLY A 99 3.10 2.38 -21.87
CA GLY A 99 2.00 3.15 -21.31
C GLY A 99 0.70 2.94 -22.05
N LEU A 100 0.75 3.03 -23.39
CA LEU A 100 -0.44 2.81 -24.17
C LEU A 100 -0.93 1.40 -23.97
N GLY A 101 -0.05 0.43 -23.98
CA GLY A 101 -0.50 -0.94 -23.80
C GLY A 101 -1.18 -1.16 -22.48
N GLU A 102 -0.55 -0.70 -21.41
CA GLU A 102 -1.09 -0.94 -20.09
C GLU A 102 -2.38 -0.18 -19.84
N TYR A 103 -2.44 1.08 -20.24
CA TYR A 103 -3.60 1.88 -19.91
C TYR A 103 -4.79 1.47 -20.77
N LEU A 104 -4.57 1.09 -22.03
CA LEU A 104 -5.65 0.52 -22.84
C LEU A 104 -6.09 -0.81 -22.24
N GLY A 105 -5.15 -1.64 -21.79
CA GLY A 105 -5.51 -2.88 -21.18
C GLY A 105 -6.36 -2.72 -19.94
N GLN A 106 -6.07 -1.70 -19.13
CA GLN A 106 -6.84 -1.42 -17.94
C GLN A 106 -8.20 -0.82 -18.26
N ILE A 107 -8.31 -0.01 -19.28
CA ILE A 107 -9.64 0.41 -19.72
C ILE A 107 -10.49 -0.81 -20.01
N ALA A 108 -9.90 -1.80 -20.68
CA ALA A 108 -10.67 -2.96 -21.08
C ALA A 108 -10.89 -3.96 -19.94
N GLY A 109 -9.97 -4.08 -19.00
CA GLY A 109 -10.07 -5.09 -17.98
C GLY A 109 -10.34 -4.65 -16.56
N GLY A 110 -10.12 -3.39 -16.26
CA GLY A 110 -10.33 -2.82 -14.95
C GLY A 110 -9.22 -1.85 -14.52
N ILE A 111 -9.63 -0.61 -14.18
CA ILE A 111 -8.71 0.40 -13.66
C ILE A 111 -8.72 0.37 -12.14
N PRO A 112 -7.62 0.23 -11.43
CA PRO A 112 -7.68 0.25 -9.96
C PRO A 112 -7.88 1.66 -9.41
N MET A 113 -9.06 1.88 -8.84
CA MET A 113 -9.38 3.11 -8.10
C MET A 113 -8.69 3.02 -6.73
N SER A 114 -8.73 1.82 -6.17
CA SER A 114 -8.01 1.44 -4.98
C SER A 114 -7.56 0.01 -5.24
N GLN A 115 -6.85 -0.61 -4.29
CA GLN A 115 -6.37 -1.96 -4.57
C GLN A 115 -7.47 -2.95 -4.87
N THR A 116 -8.68 -2.75 -4.34
CA THR A 116 -9.76 -3.72 -4.55
C THR A 116 -10.97 -3.20 -5.29
N GLU A 117 -11.00 -1.89 -5.63
CA GLU A 117 -12.09 -1.27 -6.35
C GLU A 117 -11.66 -0.91 -7.74
N PHE A 118 -12.22 -1.56 -8.71
CA PHE A 118 -11.87 -1.41 -10.10
C PHE A 118 -12.96 -0.68 -10.84
N ALA A 119 -12.57 0.24 -11.69
CA ALA A 119 -13.48 0.88 -12.63
C ALA A 119 -13.49 0.02 -13.87
N ARG A 120 -14.63 -0.59 -14.17
CA ARG A 120 -14.84 -1.45 -15.28
C ARG A 120 -15.95 -0.89 -16.16
N LEU A 121 -15.85 -1.15 -17.45
CA LEU A 121 -16.87 -0.66 -18.35
C LEU A 121 -18.24 -1.21 -18.01
N SER A 122 -18.26 -2.44 -17.49
CA SER A 122 -19.52 -3.02 -17.05
C SER A 122 -20.18 -2.24 -15.93
N ASP A 123 -19.41 -1.45 -15.16
CA ASP A 123 -20.03 -0.66 -14.09
C ASP A 123 -21.03 0.35 -14.64
N LEU A 124 -20.92 0.71 -15.90
CA LEU A 124 -21.89 1.55 -16.57
C LEU A 124 -22.62 0.81 -17.69
N GLU A 125 -22.55 -0.50 -17.67
CA GLU A 125 -23.18 -1.33 -18.69
C GLU A 125 -22.69 -0.96 -20.10
N LEU A 126 -21.40 -0.68 -20.23
CA LEU A 126 -20.76 -0.45 -21.51
C LEU A 126 -20.00 -1.69 -21.93
N ASP A 127 -19.83 -1.79 -23.22
CA ASP A 127 -18.87 -2.74 -23.74
C ASP A 127 -18.06 -2.01 -24.82
N TRP A 128 -16.87 -2.54 -25.01
CA TRP A 128 -15.93 -1.97 -25.94
C TRP A 128 -15.28 -3.12 -26.70
N GLN A 129 -15.40 -3.05 -28.04
CA GLN A 129 -14.71 -3.95 -28.94
C GLN A 129 -13.61 -3.10 -29.57
N PRO A 130 -12.35 -3.21 -29.10
CA PRO A 130 -11.30 -2.34 -29.62
C PRO A 130 -11.13 -2.45 -31.12
N GLY A 131 -10.92 -1.30 -31.74
CA GLY A 131 -10.60 -1.24 -33.16
C GLY A 131 -9.20 -1.79 -33.42
N GLU A 132 -8.82 -1.85 -34.71
CA GLU A 132 -7.58 -2.50 -35.10
C GLU A 132 -6.38 -1.82 -34.42
N ALA A 133 -6.36 -0.48 -34.44
CA ALA A 133 -5.22 0.26 -33.89
C ALA A 133 -5.15 0.10 -32.38
N ALA A 134 -6.29 0.27 -31.70
CA ALA A 134 -6.31 0.13 -30.25
C ALA A 134 -5.96 -1.28 -29.81
N ALA A 135 -6.46 -2.30 -30.53
CA ALA A 135 -6.12 -3.67 -30.22
C ALA A 135 -4.62 -3.95 -30.38
N LYS A 136 -4.00 -3.40 -31.42
CA LYS A 136 -2.56 -3.57 -31.58
C LYS A 136 -1.82 -2.89 -30.43
N LEU A 137 -2.20 -1.64 -30.15
CA LEU A 137 -1.51 -0.93 -29.07
C LEU A 137 -1.67 -1.62 -27.74
N MET A 138 -2.83 -2.25 -27.49
CA MET A 138 -3.07 -2.88 -26.21
C MET A 138 -2.13 -4.04 -25.94
N ARG A 139 -1.49 -4.57 -26.96
CA ARG A 139 -0.53 -5.64 -26.81
C ARG A 139 0.89 -5.13 -26.59
N GLY A 140 1.08 -3.83 -26.41
CA GLY A 140 2.45 -3.32 -26.42
C GLY A 140 3.23 -3.37 -25.11
N ASN A 141 2.60 -3.71 -23.98
CA ASN A 141 3.33 -3.85 -22.73
C ASN A 141 3.84 -5.29 -22.67
N THR A 142 5.01 -5.50 -23.26
CA THR A 142 5.60 -6.81 -23.43
C THR A 142 6.82 -6.98 -22.55
N ALA A 143 7.19 -8.25 -22.34
CA ALA A 143 8.40 -8.50 -21.57
C ALA A 143 9.64 -7.89 -22.21
N PRO A 144 9.88 -7.99 -23.54
CA PRO A 144 11.09 -7.39 -24.07
C PRO A 144 11.08 -5.90 -23.91
N ALA A 145 9.91 -5.27 -24.04
CA ALA A 145 9.86 -3.81 -23.91
C ALA A 145 10.21 -3.37 -22.51
N ARG A 146 9.65 -4.03 -21.50
CA ARG A 146 9.96 -3.68 -20.12
C ARG A 146 11.43 -3.91 -19.80
N ALA A 147 11.98 -5.01 -20.30
CA ALA A 147 13.38 -5.28 -20.03
C ALA A 147 14.31 -4.23 -20.62
N GLU A 148 14.00 -3.81 -21.85
CA GLU A 148 14.80 -2.79 -22.51
C GLU A 148 14.66 -1.45 -21.80
N LEU A 149 13.45 -1.12 -21.33
CA LEU A 149 13.27 0.09 -20.57
C LEU A 149 14.09 0.09 -19.30
N ALA A 150 14.04 -1.01 -18.55
CA ALA A 150 14.84 -1.11 -17.34
C ALA A 150 16.34 -1.00 -17.60
N ARG A 151 16.80 -1.55 -18.74
CA ARG A 151 18.20 -1.44 -19.12
C ARG A 151 18.56 0.04 -19.38
N LEU A 152 17.70 0.76 -20.12
CA LEU A 152 17.98 2.16 -20.39
C LEU A 152 17.90 3.01 -19.11
N MET A 153 16.99 2.69 -18.20
CA MET A 153 16.94 3.42 -16.94
C MET A 153 18.24 3.34 -16.13
N GLN A 154 18.96 2.22 -16.25
CA GLN A 154 20.27 2.07 -15.64
C GLN A 154 21.36 2.89 -16.26
N ASP A 155 21.16 3.40 -17.48
CA ASP A 155 22.17 4.14 -18.21
C ASP A 155 21.62 5.52 -18.55
N ASN A 156 21.28 6.26 -17.50
CA ASN A 156 20.50 7.47 -17.65
C ASN A 156 21.31 8.74 -17.44
N HIS A 157 22.64 8.62 -17.33
CA HIS A 157 23.51 9.78 -17.51
C HIS A 157 23.29 10.87 -16.46
N GLY A 158 22.87 10.47 -15.26
CA GLY A 158 22.65 11.44 -14.22
C GLY A 158 21.50 12.40 -14.51
N ARG A 159 20.69 12.11 -15.54
CA ARG A 159 19.52 12.94 -15.85
C ARG A 159 18.47 12.86 -14.75
N ALA A 160 17.68 13.89 -14.67
CA ALA A 160 16.80 14.02 -13.53
C ALA A 160 15.48 13.29 -13.66
N THR A 161 15.16 12.80 -14.88
CA THR A 161 13.93 12.10 -15.15
C THR A 161 14.29 10.90 -16.02
N PHE A 162 13.44 9.89 -16.04
CA PHE A 162 13.56 8.76 -16.95
C PHE A 162 12.72 9.10 -18.18
N GLY A 163 13.41 9.65 -19.18
CA GLY A 163 12.80 10.19 -20.37
C GLY A 163 12.72 11.70 -20.32
N ALA A 164 12.89 12.30 -21.48
CA ALA A 164 12.76 13.73 -21.62
C ALA A 164 11.35 14.15 -21.33
N THR A 165 11.23 15.32 -20.69
CA THR A 165 9.94 15.81 -20.25
C THR A 165 9.20 16.61 -21.28
N GLY A 166 9.91 17.15 -22.25
CA GLY A 166 9.33 18.04 -23.22
C GLY A 166 9.23 19.47 -22.76
N LEU A 167 9.68 19.77 -21.54
CA LEU A 167 9.63 21.13 -21.03
C LEU A 167 10.75 21.95 -21.66
N ASP A 168 10.50 23.25 -21.74
CA ASP A 168 11.47 24.16 -22.35
C ASP A 168 12.75 24.25 -21.53
N GLU A 169 13.74 24.89 -22.11
CA GLU A 169 15.07 24.87 -21.52
C GLU A 169 15.10 25.67 -20.22
N ASP A 170 14.27 26.71 -20.12
CA ASP A 170 14.26 27.51 -18.90
C ASP A 170 13.74 26.68 -17.74
N LEU A 171 12.70 25.90 -18.00
CA LEU A 171 12.15 25.05 -16.95
C LEU A 171 13.16 23.98 -16.56
N GLU A 172 13.90 23.43 -17.52
CA GLU A 172 14.82 22.36 -17.17
C GLU A 172 16.07 22.91 -16.46
N MET A 173 16.37 24.19 -16.67
CA MET A 173 17.42 24.82 -15.86
C MET A 173 16.95 25.04 -14.43
N ILE A 174 15.67 25.36 -14.24
CA ILE A 174 15.09 25.43 -12.90
C ILE A 174 15.14 24.05 -12.26
N ARG A 175 14.82 23.00 -13.04
CA ARG A 175 14.90 21.65 -12.48
C ARG A 175 16.31 21.38 -11.95
N ASP A 176 17.31 21.69 -12.77
CA ASP A 176 18.68 21.36 -12.39
C ASP A 176 19.07 22.05 -11.07
N GLN A 177 18.64 23.30 -10.90
CA GLN A 177 18.98 24.07 -9.71
C GLN A 177 18.35 23.46 -8.45
N PHE A 178 17.07 23.09 -8.53
CA PHE A 178 16.40 22.60 -7.35
C PHE A 178 16.70 21.14 -7.07
N ARG A 179 17.04 20.40 -8.12
CA ARG A 179 17.52 19.04 -7.97
C ARG A 179 18.87 19.09 -7.20
N ARG A 180 19.73 20.04 -7.58
CA ARG A 180 21.01 20.16 -6.89
C ARG A 180 20.80 20.55 -5.43
N TYR A 181 19.87 21.48 -5.15
CA TYR A 181 19.58 21.84 -3.77
C TYR A 181 19.10 20.64 -2.97
N ALA A 182 18.13 19.88 -3.51
CA ALA A 182 17.64 18.72 -2.79
C ALA A 182 18.77 17.72 -2.52
N GLU A 183 19.63 17.50 -3.51
CA GLU A 183 20.72 16.52 -3.38
C GLU A 183 21.70 16.94 -2.31
N GLU A 184 21.99 18.24 -2.23
CA GLU A 184 23.02 18.78 -1.36
C GLU A 184 22.53 19.06 0.05
N ARG A 185 21.27 19.48 0.20
CA ARG A 185 20.79 19.99 1.48
C ARG A 185 19.64 19.22 2.12
N VAL A 186 18.88 18.45 1.34
CA VAL A 186 17.72 17.72 1.84
C VAL A 186 18.02 16.24 1.98
N ILE A 187 18.38 15.58 0.88
CA ILE A 187 18.65 14.14 0.91
C ILE A 187 19.68 13.74 1.98
N PRO A 188 20.79 14.45 2.14
CA PRO A 188 21.80 13.99 3.13
C PRO A 188 21.38 14.23 4.57
N ASN A 189 20.30 14.98 4.79
CA ASN A 189 19.92 15.38 6.14
C ASN A 189 18.57 14.86 6.64
N ALA A 190 17.70 14.39 5.76
CA ALA A 190 16.37 13.97 6.21
C ALA A 190 16.37 12.81 7.22
N HIS A 191 17.36 11.91 7.17
CA HIS A 191 17.33 10.81 8.13
C HIS A 191 17.60 11.32 9.54
N GLU A 192 18.55 12.26 9.66
CA GLU A 192 18.82 12.89 10.93
C GLU A 192 17.59 13.61 11.47
N TRP A 193 16.86 14.36 10.61
CA TRP A 193 15.64 15.04 11.04
C TRP A 193 14.65 14.05 11.63
N HIS A 194 14.45 12.94 10.95
CA HIS A 194 13.54 11.90 11.41
C HIS A 194 14.00 11.32 12.75
N LEU A 195 15.27 10.95 12.84
CA LEU A 195 15.78 10.35 14.07
C LEU A 195 15.61 11.28 15.27
N LYS A 196 15.71 12.59 15.06
CA LYS A 196 15.52 13.56 16.13
C LYS A 196 14.07 14.02 16.26
N ASP A 197 13.19 13.53 15.42
CA ASP A 197 11.77 13.90 15.40
C ASP A 197 11.60 15.40 15.39
N GLN A 198 12.40 16.05 14.55
CA GLN A 198 12.46 17.50 14.55
C GLN A 198 11.89 18.11 13.29
N LEU A 199 11.44 19.34 13.46
CA LEU A 199 11.00 20.15 12.35
C LEU A 199 12.12 20.34 11.35
N ILE A 200 11.74 20.42 10.08
CA ILE A 200 12.68 20.82 9.04
C ILE A 200 13.41 22.04 9.57
N PRO A 201 14.77 22.07 9.58
CA PRO A 201 15.45 23.17 10.22
C PRO A 201 15.12 24.51 9.60
N MET A 202 15.19 25.57 10.44
CA MET A 202 14.95 26.90 9.94
C MET A 202 15.97 27.30 8.88
N GLU A 203 17.19 26.76 8.96
CA GLU A 203 18.17 27.09 7.93
C GLU A 203 17.70 26.66 6.54
N ILE A 204 16.95 25.56 6.44
CA ILE A 204 16.42 25.12 5.16
C ILE A 204 15.41 26.15 4.67
N ILE A 205 14.53 26.60 5.58
CA ILE A 205 13.55 27.61 5.19
C ILE A 205 14.24 28.88 4.72
N GLU A 206 15.29 29.31 5.43
CA GLU A 206 16.03 30.49 5.03
C GLU A 206 16.68 30.32 3.66
N GLU A 207 17.20 29.14 3.37
CA GLU A 207 17.81 28.91 2.07
C GLU A 207 16.78 28.92 0.95
N LEU A 208 15.63 28.26 1.16
CA LEU A 208 14.59 28.30 0.16
C LEU A 208 14.09 29.73 -0.08
N ALA A 209 14.03 30.55 0.98
CA ALA A 209 13.58 31.92 0.84
C ALA A 209 14.56 32.73 -0.02
N GLU A 210 15.86 32.51 0.22
CA GLU A 210 16.88 33.16 -0.61
C GLU A 210 16.76 32.74 -2.07
N LEU A 211 16.40 31.46 -2.31
CA LEU A 211 16.17 30.89 -3.65
C LEU A 211 14.89 31.42 -4.33
N GLY A 212 14.07 32.20 -3.60
CA GLY A 212 12.82 32.76 -4.10
C GLY A 212 11.66 31.80 -4.08
N VAL A 213 11.76 30.67 -3.42
CA VAL A 213 10.73 29.65 -3.50
C VAL A 213 9.40 30.17 -3.02
N PHE A 214 9.40 30.97 -1.96
CA PHE A 214 8.14 31.40 -1.34
C PHE A 214 7.46 32.46 -2.13
N GLY A 215 8.13 33.07 -3.09
CA GLY A 215 7.53 34.02 -3.96
C GLY A 215 7.66 33.74 -5.43
N LEU A 216 7.87 32.47 -5.76
CA LEU A 216 8.23 32.15 -7.13
C LEU A 216 7.21 32.65 -8.13
N THR A 217 5.91 32.54 -7.79
CA THR A 217 4.85 32.93 -8.71
C THR A 217 4.18 34.21 -8.30
N ILE A 218 4.65 34.87 -7.23
CA ILE A 218 4.07 36.12 -6.81
C ILE A 218 4.55 37.20 -7.77
N PRO A 219 3.70 38.14 -8.15
CA PRO A 219 4.15 39.14 -9.11
C PRO A 219 5.34 39.95 -8.59
N GLU A 220 6.15 40.47 -9.52
CA GLU A 220 7.34 41.22 -9.15
C GLU A 220 7.00 42.51 -8.42
N GLU A 221 5.81 43.06 -8.65
CA GLU A 221 5.44 44.31 -7.98
C GLU A 221 5.24 44.09 -6.48
N PHE A 222 5.12 42.83 -6.06
CA PHE A 222 5.06 42.46 -4.64
C PHE A 222 6.31 41.76 -4.11
N GLY A 223 7.39 41.76 -4.85
CA GLY A 223 8.62 41.20 -4.39
C GLY A 223 8.80 39.75 -4.78
N GLY A 224 7.87 39.21 -5.59
CA GLY A 224 8.05 37.86 -6.07
C GLY A 224 8.88 37.83 -7.35
N LEU A 225 9.03 36.62 -7.88
CA LEU A 225 9.76 36.44 -9.14
C LEU A 225 8.84 36.42 -10.37
N GLY A 226 7.53 36.34 -10.21
CA GLY A 226 6.62 36.44 -11.33
C GLY A 226 6.72 35.31 -12.32
N LEU A 227 7.17 34.14 -11.89
CA LEU A 227 7.31 33.00 -12.78
C LEU A 227 6.00 32.20 -12.93
N SER A 228 6.02 31.30 -13.91
CA SER A 228 4.85 30.54 -14.30
C SER A 228 4.49 29.44 -13.32
N LYS A 229 3.25 28.98 -13.42
CA LYS A 229 2.85 27.83 -12.60
C LYS A 229 3.64 26.59 -12.96
N ALA A 230 4.00 26.43 -14.22
CA ALA A 230 4.84 25.28 -14.57
C ALA A 230 6.18 25.36 -13.88
N SER A 231 6.73 26.57 -13.72
CA SER A 231 7.99 26.73 -13.00
C SER A 231 7.85 26.23 -11.56
N MET A 232 6.71 26.56 -10.90
CA MET A 232 6.46 26.16 -9.54
C MET A 232 6.23 24.65 -9.44
N VAL A 233 5.63 24.05 -10.49
CA VAL A 233 5.51 22.59 -10.53
C VAL A 233 6.89 21.95 -10.46
N VAL A 234 7.82 22.42 -11.30
CA VAL A 234 9.17 21.83 -11.35
C VAL A 234 9.88 21.97 -10.01
N VAL A 235 9.83 23.16 -9.44
CA VAL A 235 10.42 23.37 -8.14
C VAL A 235 9.87 22.39 -7.13
N THR A 236 8.54 22.31 -7.08
CA THR A 236 7.88 21.46 -6.11
C THR A 236 8.21 20.00 -6.32
N GLU A 237 8.29 19.58 -7.58
CA GLU A 237 8.65 18.21 -7.84
C GLU A 237 10.02 17.88 -7.31
N GLU A 238 10.99 18.74 -7.56
CA GLU A 238 12.34 18.43 -7.13
C GLU A 238 12.54 18.55 -5.65
N LEU A 239 11.89 19.53 -5.03
CA LEU A 239 11.99 19.64 -3.58
C LEU A 239 11.34 18.43 -2.89
N SER A 240 10.20 17.99 -3.43
CA SER A 240 9.47 16.85 -2.86
C SER A 240 10.21 15.55 -3.05
N ARG A 241 10.92 15.41 -4.16
CA ARG A 241 11.81 14.28 -4.38
C ARG A 241 12.81 14.18 -3.24
N GLY A 242 13.29 15.35 -2.78
CA GLY A 242 14.10 15.37 -1.56
C GLY A 242 13.36 14.91 -0.31
N TYR A 243 12.26 15.61 -0.04
CA TYR A 243 11.36 15.28 1.06
C TYR A 243 10.06 16.04 0.85
N ILE A 244 8.91 15.35 0.89
CA ILE A 244 7.62 15.96 0.58
C ILE A 244 7.42 17.27 1.35
N GLY A 245 7.82 17.29 2.63
CA GLY A 245 7.58 18.47 3.45
C GLY A 245 8.32 19.69 2.99
N VAL A 246 9.50 19.50 2.38
CA VAL A 246 10.22 20.63 1.81
C VAL A 246 9.45 21.18 0.62
N GLY A 247 8.89 20.30 -0.22
CA GLY A 247 8.01 20.77 -1.27
C GLY A 247 6.79 21.50 -0.76
N SER A 248 6.18 20.96 0.31
CA SER A 248 5.01 21.57 0.88
C SER A 248 5.26 22.94 1.49
N LEU A 249 6.48 23.27 1.91
CA LEU A 249 6.74 24.63 2.38
C LEU A 249 6.47 25.61 1.26
N GLY A 250 6.92 25.27 0.06
CA GLY A 250 6.65 26.13 -1.06
C GLY A 250 5.17 26.18 -1.45
N THR A 251 4.51 25.02 -1.45
CA THR A 251 3.10 24.98 -1.78
C THR A 251 2.29 25.90 -0.88
N ARG A 252 2.59 25.89 0.41
CA ARG A 252 1.82 26.68 1.37
C ARG A 252 1.89 28.16 1.07
N SER A 253 3.05 28.67 0.71
CA SER A 253 3.17 30.08 0.37
C SER A 253 2.45 30.40 -0.93
N GLU A 254 2.66 29.47 -1.84
CA GLU A 254 2.05 29.68 -3.28
CA GLU A 254 2.05 29.68 -3.27
C GLU A 254 0.39 29.77 -3.18
N ILE A 255 -0.12 28.89 -2.32
CA ILE A 255 -1.57 28.89 -2.17
C ILE A 255 -2.06 30.08 -1.35
N ALA A 256 -1.39 30.42 -0.25
CA ALA A 256 -1.79 31.57 0.51
C ALA A 256 -1.69 32.85 -0.33
N ALA A 257 -0.64 32.93 -1.15
CA ALA A 257 -0.49 34.10 -1.99
C ALA A 257 -1.59 34.16 -3.04
N GLU A 258 -1.93 33.03 -3.65
CA GLU A 258 -3.00 33.04 -4.63
C GLU A 258 -4.33 33.44 -3.97
N LEU A 259 -4.59 32.92 -2.77
CA LEU A 259 -5.79 33.28 -2.04
C LEU A 259 -5.90 34.79 -1.91
N ILE A 260 -4.78 35.43 -1.53
CA ILE A 260 -4.76 36.87 -1.31
C ILE A 260 -4.78 37.66 -2.61
N LEU A 261 -4.01 37.19 -3.61
CA LEU A 261 -4.03 37.87 -4.90
C LEU A 261 -5.43 37.87 -5.50
N CYS A 262 -6.15 36.78 -5.37
CA CYS A 262 -7.47 36.70 -5.95
C CYS A 262 -8.59 37.25 -5.08
N GLY A 263 -8.47 37.18 -3.76
CA GLY A 263 -9.55 37.60 -2.88
C GLY A 263 -9.32 38.82 -2.00
N GLY A 264 -8.09 39.29 -1.92
CA GLY A 264 -7.76 40.35 -0.99
C GLY A 264 -8.07 41.73 -1.53
N THR A 265 -8.21 42.69 -0.61
CA THR A 265 -8.25 44.08 -0.98
C THR A 265 -6.86 44.47 -1.49
N GLU A 266 -6.75 45.64 -2.10
CA GLU A 266 -5.43 46.10 -2.50
C GLU A 266 -4.50 46.31 -1.31
N ALA A 267 -5.04 46.82 -0.20
CA ALA A 267 -4.24 47.02 1.00
C ALA A 267 -3.74 45.68 1.56
N GLN A 268 -4.58 44.62 1.50
CA GLN A 268 -4.15 43.32 1.97
C GLN A 268 -3.04 42.77 1.09
N LYS A 269 -3.18 42.92 -0.22
CA LYS A 269 -2.11 42.49 -1.12
C LYS A 269 -0.79 43.18 -0.79
N ALA A 270 -0.85 44.50 -0.59
CA ALA A 270 0.36 45.24 -0.31
C ALA A 270 0.98 44.86 1.03
N LYS A 271 0.15 44.57 2.04
CA LYS A 271 0.63 44.27 3.38
C LYS A 271 1.19 42.86 3.53
N TRP A 272 0.61 41.87 2.85
CA TRP A 272 0.92 40.48 3.06
C TRP A 272 1.80 39.85 1.98
N LEU A 273 1.61 40.21 0.70
CA LEU A 273 2.36 39.52 -0.36
C LEU A 273 3.87 39.72 -0.27
N PRO A 274 4.40 40.90 0.03
CA PRO A 274 5.88 40.98 0.05
C PRO A 274 6.49 40.10 1.13
N GLY A 275 5.81 39.95 2.26
CA GLY A 275 6.36 39.14 3.32
C GLY A 275 6.24 37.66 3.06
N LEU A 276 5.17 37.23 2.36
CA LEU A 276 5.12 35.85 1.91
C LEU A 276 6.25 35.59 0.91
N ALA A 277 6.44 36.54 -0.02
CA ALA A 277 7.43 36.30 -1.09
C ALA A 277 8.84 36.19 -0.56
N SER A 278 9.17 36.89 0.52
CA SER A 278 10.52 36.86 1.07
C SER A 278 10.70 35.73 2.07
N GLY A 279 9.61 35.05 2.45
CA GLY A 279 9.70 34.08 3.52
C GLY A 279 9.65 34.65 4.92
N GLU A 280 9.51 35.96 5.07
CA GLU A 280 9.42 36.55 6.40
C GLU A 280 8.07 36.26 7.05
N ILE A 281 7.04 36.00 6.25
CA ILE A 281 5.75 35.53 6.73
C ILE A 281 5.57 34.11 6.22
N LEU A 282 5.41 33.18 7.15
CA LEU A 282 5.08 31.80 6.85
C LEU A 282 3.62 31.51 7.18
N SER A 283 2.92 30.74 6.32
CA SER A 283 1.49 30.56 6.41
C SER A 283 1.15 29.09 6.51
N THR A 284 -0.04 28.83 7.06
CA THR A 284 -0.67 27.54 6.93
C THR A 284 -2.17 27.72 6.87
N ALA A 285 -2.81 26.67 6.42
CA ALA A 285 -4.25 26.61 6.24
C ALA A 285 -4.91 26.03 7.48
N VAL A 286 -5.95 26.70 7.96
CA VAL A 286 -6.65 26.29 9.16
C VAL A 286 -8.14 26.12 8.84
N PHE A 287 -8.44 24.94 8.33
CA PHE A 287 -9.76 24.62 7.82
C PHE A 287 -10.40 23.48 8.61
N THR A 288 -9.74 22.31 8.61
CA THR A 288 -10.25 21.06 9.19
C THR A 288 -10.50 21.17 10.68
N GLU A 289 -11.56 20.48 11.13
CA GLU A 289 -11.99 20.44 12.52
C GLU A 289 -12.10 18.99 12.92
N PRO A 290 -12.12 18.71 14.23
CA PRO A 290 -12.24 17.30 14.66
C PRO A 290 -13.38 16.52 14.00
N ASN A 291 -14.53 17.15 13.82
CA ASN A 291 -15.71 16.50 13.28
C ASN A 291 -15.98 16.83 11.81
N THR A 292 -15.20 17.69 11.19
CA THR A 292 -15.48 18.20 9.84
C THR A 292 -14.19 18.25 9.02
N GLY A 293 -14.14 17.46 7.95
CA GLY A 293 -12.99 17.45 7.07
C GLY A 293 -13.41 17.51 5.61
N SER A 294 -13.99 16.44 5.11
CA SER A 294 -14.44 16.46 3.72
C SER A 294 -15.60 17.44 3.50
N ASP A 295 -16.50 17.55 4.47
CA ASP A 295 -17.66 18.41 4.35
C ASP A 295 -17.39 19.78 4.97
N LEU A 296 -16.41 20.47 4.36
CA LEU A 296 -15.87 21.64 5.00
C LEU A 296 -16.89 22.77 5.09
N GLY A 297 -17.87 22.81 4.19
CA GLY A 297 -18.92 23.83 4.28
C GLY A 297 -19.75 23.77 5.53
N SER A 298 -19.73 22.66 6.26
CA SER A 298 -20.47 22.51 7.49
C SER A 298 -19.64 22.81 8.76
N LEU A 299 -18.46 23.41 8.63
CA LEU A 299 -17.63 23.63 9.78
C LEU A 299 -18.30 24.50 10.85
N ARG A 300 -17.81 24.39 12.11
CA ARG A 300 -18.44 24.99 13.25
C ARG A 300 -17.65 26.09 13.94
N THR A 301 -16.35 26.18 13.71
CA THR A 301 -15.63 27.26 14.36
C THR A 301 -16.33 28.56 13.97
N ARG A 302 -16.50 29.46 14.93
CA ARG A 302 -17.27 30.66 14.73
C ARG A 302 -16.38 31.88 14.90
N ALA A 303 -16.76 32.95 14.22
CA ALA A 303 -16.13 34.25 14.39
C ALA A 303 -17.22 35.26 14.62
N VAL A 304 -17.08 36.05 15.66
CA VAL A 304 -18.08 37.03 16.08
C VAL A 304 -17.43 38.40 16.12
N ARG A 305 -18.17 39.43 15.74
CA ARG A 305 -17.65 40.77 15.80
C ARG A 305 -17.47 41.23 17.25
N ASP A 306 -16.38 41.97 17.48
CA ASP A 306 -16.11 42.65 18.73
C ASP A 306 -15.54 43.99 18.33
N GLY A 307 -16.41 44.99 18.29
CA GLY A 307 -15.99 46.30 17.83
C GLY A 307 -15.62 46.17 16.37
N GLU A 308 -14.40 46.61 16.06
CA GLU A 308 -13.95 46.56 14.68
C GLU A 308 -13.27 45.25 14.36
N ASP A 309 -13.10 44.38 15.34
CA ASP A 309 -12.35 43.11 15.19
C ASP A 309 -13.30 41.93 15.21
N TRP A 310 -12.73 40.75 15.23
CA TRP A 310 -13.46 39.50 15.32
C TRP A 310 -12.82 38.66 16.41
N VAL A 311 -13.62 37.79 17.04
CA VAL A 311 -13.15 36.86 18.05
C VAL A 311 -13.63 35.48 17.64
N VAL A 312 -12.70 34.51 17.65
CA VAL A 312 -12.90 33.19 17.13
C VAL A 312 -12.89 32.16 18.25
N THR A 313 -13.87 31.23 18.17
CA THR A 313 -13.99 30.13 19.10
C THR A 313 -14.28 28.87 18.30
N GLY A 314 -13.48 27.85 18.52
CA GLY A 314 -13.70 26.55 17.92
C GLY A 314 -12.46 25.70 17.95
N ASN A 315 -12.58 24.49 17.45
CA ASN A 315 -11.47 23.57 17.39
C ASN A 315 -11.09 23.27 15.95
N LYS A 316 -9.76 23.21 15.68
CA LYS A 316 -9.23 22.85 14.38
C LYS A 316 -8.25 21.70 14.58
N THR A 317 -8.02 20.90 13.53
CA THR A 317 -7.09 19.81 13.70
C THR A 317 -6.46 19.46 12.36
N TRP A 318 -5.39 18.64 12.42
CA TRP A 318 -4.62 18.22 11.27
C TRP A 318 -3.93 19.42 10.66
N ILE A 319 -3.56 20.42 11.45
CA ILE A 319 -2.99 21.64 10.91
C ILE A 319 -1.49 21.53 10.80
N THR A 320 -0.98 21.61 9.57
CA THR A 320 0.44 21.47 9.28
C THR A 320 1.19 22.76 9.63
N HIS A 321 2.38 22.60 10.21
CA HIS A 321 3.30 23.71 10.46
C HIS A 321 2.71 24.76 11.39
N ALA A 322 1.84 24.35 12.30
CA ALA A 322 1.13 25.32 13.12
C ALA A 322 2.02 26.07 14.12
N GLN A 323 3.17 25.53 14.51
CA GLN A 323 3.96 26.21 15.54
C GLN A 323 4.64 27.44 15.00
N ARG A 324 5.27 27.33 13.83
CA ARG A 324 6.22 28.32 13.38
C ARG A 324 5.64 29.38 12.46
N THR A 325 4.38 29.25 12.09
CA THR A 325 3.78 30.18 11.17
C THR A 325 3.36 31.51 11.81
N HIS A 326 3.35 32.56 10.98
CA HIS A 326 2.93 33.89 11.37
C HIS A 326 1.47 34.19 11.01
N VAL A 327 0.92 33.41 10.09
CA VAL A 327 -0.45 33.64 9.68
C VAL A 327 -1.09 32.32 9.33
N MET A 328 -2.35 32.22 9.74
CA MET A 328 -3.22 31.12 9.43
C MET A 328 -4.32 31.61 8.49
N THR A 329 -4.52 30.92 7.38
CA THR A 329 -5.67 31.25 6.51
C THR A 329 -6.80 30.44 7.10
N LEU A 330 -7.61 31.12 7.90
CA LEU A 330 -8.52 30.47 8.81
C LEU A 330 -9.95 30.69 8.33
N LEU A 331 -10.67 29.59 8.12
CA LEU A 331 -12.06 29.57 7.68
C LEU A 331 -12.97 29.37 8.89
N ALA A 332 -13.87 30.32 9.11
CA ALA A 332 -14.77 30.31 10.23
C ALA A 332 -16.17 30.76 9.79
N ARG A 333 -17.18 30.36 10.57
CA ARG A 333 -18.56 30.71 10.31
C ARG A 333 -18.87 32.05 10.96
N THR A 334 -19.24 33.03 10.15
CA THR A 334 -19.62 34.38 10.60
C THR A 334 -21.13 34.62 10.65
N ASP A 335 -21.93 33.72 10.12
CA ASP A 335 -23.39 33.86 10.20
C ASP A 335 -23.95 32.69 10.98
N PRO A 336 -24.33 32.91 12.24
CA PRO A 336 -24.75 31.78 13.10
C PRO A 336 -26.07 31.11 12.65
N GLU A 337 -26.81 31.75 11.76
CA GLU A 337 -28.07 31.20 11.28
C GLU A 337 -27.89 30.27 10.11
N THR A 338 -26.64 29.95 9.76
CA THR A 338 -26.33 29.11 8.63
C THR A 338 -25.68 27.82 9.07
N THR A 339 -25.76 26.81 8.19
CA THR A 339 -25.12 25.53 8.37
C THR A 339 -24.24 25.10 7.20
N ASP A 340 -24.18 25.89 6.14
CA ASP A 340 -23.48 25.51 4.93
C ASP A 340 -22.42 26.55 4.56
N TRP A 341 -21.83 26.37 3.39
CA TRP A 341 -20.70 27.16 2.95
C TRP A 341 -20.99 28.64 2.88
N ARG A 342 -22.24 29.04 2.70
CA ARG A 342 -22.54 30.45 2.52
C ARG A 342 -22.22 31.31 3.74
N GLY A 343 -22.16 30.68 4.90
CA GLY A 343 -21.97 31.41 6.12
C GLY A 343 -20.54 31.59 6.54
N LEU A 344 -19.59 31.19 5.69
CA LEU A 344 -18.18 31.20 6.03
C LEU A 344 -17.43 32.43 5.50
N SER A 345 -16.44 32.85 6.27
CA SER A 345 -15.51 33.92 5.96
C SER A 345 -14.07 33.43 6.18
N MET A 346 -13.14 33.98 5.37
CA MET A 346 -11.73 33.65 5.43
C MET A 346 -10.98 34.78 6.09
N PHE A 347 -10.10 34.42 7.02
CA PHE A 347 -9.33 35.37 7.78
C PHE A 347 -7.85 35.14 7.57
N LEU A 348 -7.13 36.25 7.53
CA LEU A 348 -5.67 36.22 7.59
C LEU A 348 -5.28 36.37 9.06
N ALA A 349 -5.36 35.25 9.78
CA ALA A 349 -5.27 35.24 11.25
C ALA A 349 -3.81 35.25 11.68
N GLU A 350 -3.32 36.44 11.89
CA GLU A 350 -1.96 36.66 12.37
C GLU A 350 -1.77 36.06 13.77
N LYS A 351 -0.60 35.45 14.00
CA LYS A 351 -0.26 34.98 15.32
C LYS A 351 1.25 35.05 15.52
N GLU A 352 1.66 34.88 16.80
CA GLU A 352 3.07 34.85 17.11
C GLU A 352 3.61 33.42 16.96
N PRO A 353 4.69 33.23 16.19
CA PRO A 353 5.30 31.90 16.13
C PRO A 353 5.77 31.46 17.51
N GLY A 354 5.69 30.16 17.74
CA GLY A 354 6.05 29.60 19.02
C GLY A 354 7.43 28.99 19.03
N THR A 355 7.71 28.35 20.14
CA THR A 355 8.90 27.55 20.38
C THR A 355 8.45 26.13 20.70
N ASP A 356 9.40 25.20 20.72
CA ASP A 356 9.07 23.83 21.07
C ASP A 356 8.36 23.74 22.42
N ASP A 357 8.89 24.48 23.39
CA ASP A 357 8.36 24.55 24.74
C ASP A 357 6.99 25.24 24.87
N ASP A 358 6.79 26.27 24.06
CA ASP A 358 5.61 27.13 24.11
C ASP A 358 5.18 27.35 22.67
N PRO A 359 4.51 26.38 22.07
CA PRO A 359 4.24 26.48 20.63
C PRO A 359 3.18 27.52 20.26
N PHE A 360 2.29 27.89 21.19
CA PHE A 360 1.11 28.71 20.90
C PHE A 360 1.00 29.84 21.91
N PRO A 361 1.94 30.77 21.88
CA PRO A 361 1.95 31.87 22.87
C PRO A 361 0.86 32.92 22.66
N THR A 362 0.20 32.95 21.51
CA THR A 362 -0.79 33.97 21.28
C THR A 362 -2.01 33.73 22.15
N PRO A 363 -2.55 34.77 22.79
CA PRO A 363 -3.69 34.55 23.66
C PRO A 363 -4.90 34.03 22.90
N GLY A 364 -5.65 33.15 23.56
CA GLY A 364 -6.85 32.60 22.98
C GLY A 364 -6.62 31.43 22.07
N MET A 365 -5.38 30.97 21.99
CA MET A 365 -5.06 29.83 21.16
C MET A 365 -4.21 28.80 21.93
N THR A 366 -4.62 27.54 21.92
CA THR A 366 -3.86 26.46 22.51
C THR A 366 -3.71 25.39 21.45
N GLY A 367 -2.86 24.42 21.73
CA GLY A 367 -2.74 23.32 20.80
C GLY A 367 -1.67 22.34 21.19
N GLY A 368 -1.57 21.31 20.38
CA GLY A 368 -0.64 20.25 20.67
C GLY A 368 -0.37 19.43 19.44
N GLU A 369 0.81 18.83 19.38
CA GLU A 369 1.18 18.01 18.23
C GLU A 369 0.43 16.69 18.25
N ILE A 370 0.04 16.21 17.07
CA ILE A 370 -0.54 14.89 16.86
C ILE A 370 0.63 13.97 16.56
N GLU A 371 0.74 12.85 17.28
CA GLU A 371 1.73 11.84 16.93
C GLU A 371 1.32 11.05 15.68
N VAL A 372 2.13 11.16 14.60
CA VAL A 372 1.79 10.76 13.22
C VAL A 372 2.78 9.71 12.70
N LEU A 373 2.24 8.71 12.00
CA LEU A 373 3.08 7.75 11.28
C LEU A 373 4.10 8.43 10.38
N GLY A 374 5.31 7.97 10.44
CA GLY A 374 6.33 8.39 9.52
C GLY A 374 6.99 9.66 10.03
N TYR A 375 7.57 10.42 9.10
CA TYR A 375 8.24 11.66 9.46
C TYR A 375 7.45 12.83 8.89
N ARG A 376 6.98 13.71 9.80
CA ARG A 376 6.24 14.88 9.40
C ARG A 376 7.07 16.08 9.82
N GLY A 377 7.82 16.63 8.87
CA GLY A 377 8.78 17.65 9.14
C GLY A 377 8.23 19.06 9.39
N MET A 378 6.95 19.32 9.09
CA MET A 378 6.33 20.56 9.59
C MET A 378 5.44 20.30 10.80
N LYS A 379 5.15 19.02 11.08
CA LYS A 379 4.30 18.50 12.16
C LYS A 379 2.84 18.89 11.93
N GLU A 380 1.92 18.15 12.53
CA GLU A 380 0.49 18.44 12.46
C GLU A 380 -0.06 18.56 13.89
N TYR A 381 -1.03 19.48 14.03
CA TYR A 381 -1.48 19.92 15.33
C TYR A 381 -3.00 19.98 15.44
N GLU A 382 -3.44 19.75 16.67
CA GLU A 382 -4.77 20.08 17.15
C GLU A 382 -4.66 21.47 17.76
N LEU A 383 -5.63 22.35 17.40
CA LEU A 383 -5.69 23.74 17.84
C LEU A 383 -7.04 24.03 18.48
N GLY A 384 -6.98 24.78 19.56
CA GLY A 384 -8.17 25.28 20.19
C GLY A 384 -8.15 26.79 20.18
N PHE A 385 -9.28 27.37 19.80
CA PHE A 385 -9.48 28.81 19.80
C PHE A 385 -10.59 29.16 20.79
N ASP A 386 -10.31 30.10 21.70
CA ASP A 386 -11.28 30.55 22.71
C ASP A 386 -11.13 32.05 22.85
N GLY A 387 -11.94 32.75 22.08
CA GLY A 387 -11.86 34.19 22.08
C GLY A 387 -10.59 34.70 21.43
N PHE A 388 -10.13 34.03 20.40
CA PHE A 388 -8.93 34.42 19.69
C PHE A 388 -9.24 35.63 18.80
N ARG A 389 -8.43 36.68 18.94
CA ARG A 389 -8.68 37.94 18.26
C ARG A 389 -8.09 37.99 16.87
N ILE A 390 -8.90 38.49 15.92
CA ILE A 390 -8.46 38.78 14.58
C ILE A 390 -8.83 40.21 14.27
N LYS A 391 -7.85 40.99 13.82
CA LYS A 391 -8.11 42.34 13.42
C LYS A 391 -9.14 42.42 12.27
N GLY A 392 -9.98 43.42 12.33
CA GLY A 392 -10.96 43.61 11.28
C GLY A 392 -10.37 43.70 9.89
N GLU A 393 -9.20 44.32 9.76
CA GLU A 393 -8.52 44.44 8.47
C GLU A 393 -8.03 43.12 7.94
N ASN A 394 -8.13 42.06 8.74
CA ASN A 394 -7.64 40.75 8.32
C ASN A 394 -8.77 39.81 7.88
N LEU A 395 -10.01 40.30 7.79
CA LEU A 395 -11.03 39.57 7.07
C LEU A 395 -10.75 39.71 5.56
N LEU A 396 -10.44 38.60 4.90
CA LEU A 396 -9.96 38.66 3.52
C LEU A 396 -11.02 39.24 2.64
N GLY A 397 -10.69 40.31 1.93
CA GLY A 397 -11.61 40.93 1.03
C GLY A 397 -12.54 41.94 1.65
N GLY A 398 -12.63 42.01 2.97
CA GLY A 398 -13.42 42.97 3.66
C GLY A 398 -14.89 42.68 3.86
N GLU A 399 -15.45 41.70 3.15
CA GLU A 399 -16.90 41.41 3.12
C GLU A 399 -17.12 40.02 3.69
N PRO A 400 -17.88 39.85 4.79
CA PRO A 400 -18.21 38.50 5.26
C PRO A 400 -18.98 37.67 4.24
N GLY A 401 -18.81 36.36 4.33
CA GLY A 401 -19.61 35.42 3.53
C GLY A 401 -19.07 35.12 2.16
N ARG A 402 -17.79 35.35 1.94
CA ARG A 402 -17.17 35.07 0.66
C ARG A 402 -16.02 34.07 0.81
N GLY A 403 -15.83 33.52 1.99
CA GLY A 403 -14.64 32.72 2.21
C GLY A 403 -14.56 31.45 1.42
N PHE A 404 -15.68 30.77 1.26
CA PHE A 404 -15.64 29.53 0.53
C PHE A 404 -15.36 29.76 -0.96
N LYS A 405 -15.99 30.76 -1.56
CA LYS A 405 -15.66 31.09 -2.93
C LYS A 405 -14.21 31.52 -3.08
N GLN A 406 -13.66 32.28 -2.13
CA GLN A 406 -12.26 32.66 -2.21
C GLN A 406 -11.36 31.45 -2.15
N LEU A 407 -11.68 30.48 -1.29
CA LEU A 407 -10.92 29.25 -1.20
C LEU A 407 -10.99 28.47 -2.52
N MET A 408 -12.16 28.46 -3.14
CA MET A 408 -12.29 27.69 -4.39
C MET A 408 -11.42 28.27 -5.50
N GLU A 409 -11.09 29.57 -5.44
CA GLU A 409 -10.20 30.15 -6.43
C GLU A 409 -8.81 29.51 -6.41
N THR A 410 -8.46 28.84 -5.32
CA THR A 410 -7.14 28.25 -5.20
C THR A 410 -7.11 26.76 -5.56
N PHE A 411 -8.26 26.19 -5.88
CA PHE A 411 -8.32 24.74 -6.06
C PHE A 411 -7.51 24.26 -7.25
N GLU A 412 -7.54 24.98 -8.37
CA GLU A 412 -6.71 24.56 -9.50
C GLU A 412 -5.25 24.43 -9.10
N SER A 413 -4.73 25.48 -8.46
CA SER A 413 -3.34 25.45 -8.03
C SER A 413 -3.09 24.40 -6.98
N ALA A 414 -4.02 24.23 -6.04
CA ALA A 414 -3.82 23.24 -5.01
C ALA A 414 -3.72 21.84 -5.60
N ARG A 415 -4.58 21.57 -6.59
CA ARG A 415 -4.59 20.25 -7.19
C ARG A 415 -3.29 20.02 -7.97
N ILE A 416 -2.90 21.03 -8.77
CA ILE A 416 -1.65 20.98 -9.52
C ILE A 416 -0.47 20.71 -8.59
N GLN A 417 -0.41 21.44 -7.47
CA GLN A 417 0.73 21.31 -6.57
C GLN A 417 0.72 19.98 -5.83
N THR A 418 -0.48 19.41 -5.60
CA THR A 418 -0.58 18.10 -5.02
C THR A 418 -0.05 17.04 -5.99
N ALA A 419 -0.46 17.15 -7.25
CA ALA A 419 0.10 16.28 -8.28
C ALA A 419 1.61 16.43 -8.41
N ALA A 420 2.12 17.66 -8.33
CA ALA A 420 3.55 17.84 -8.43
C ALA A 420 4.30 17.19 -7.27
N ARG A 421 3.77 17.31 -6.03
CA ARG A 421 4.38 16.64 -4.88
C ARG A 421 4.35 15.14 -5.11
N ALA A 422 3.22 14.64 -5.61
CA ALA A 422 3.11 13.20 -5.83
C ALA A 422 4.11 12.70 -6.85
N VAL A 423 4.28 13.44 -7.95
CA VAL A 423 5.28 13.10 -8.95
C VAL A 423 6.69 13.04 -8.34
N GLY A 424 7.04 14.03 -7.54
CA GLY A 424 8.33 14.05 -6.88
C GLY A 424 8.54 12.88 -5.93
N VAL A 425 7.53 12.55 -5.14
CA VAL A 425 7.63 11.40 -4.24
C VAL A 425 7.80 10.11 -5.05
N ALA A 426 7.00 9.97 -6.12
CA ALA A 426 7.08 8.77 -6.97
C ALA A 426 8.46 8.64 -7.61
N GLN A 427 8.99 9.77 -8.07
CA GLN A 427 10.33 9.78 -8.64
C GLN A 427 11.38 9.37 -7.64
N SER A 428 11.25 9.83 -6.40
CA SER A 428 12.16 9.41 -5.36
C SER A 428 12.11 7.90 -5.17
N ALA A 429 10.88 7.34 -5.08
CA ALA A 429 10.77 5.91 -4.87
C ALA A 429 11.43 5.15 -6.01
N ALA A 430 11.22 5.59 -7.25
CA ALA A 430 11.82 4.92 -8.41
C ALA A 430 13.34 4.97 -8.35
N GLU A 431 13.90 6.13 -8.00
CA GLU A 431 15.36 6.25 -7.94
C GLU A 431 15.94 5.41 -6.81
N ILE A 432 15.28 5.40 -5.62
CA ILE A 432 15.72 4.60 -4.50
C ILE A 432 15.62 3.13 -4.85
N GLY A 433 14.53 2.74 -5.49
CA GLY A 433 14.41 1.36 -5.91
C GLY A 433 15.45 0.94 -6.93
N MET A 434 15.72 1.81 -7.89
CA MET A 434 16.72 1.50 -8.90
C MET A 434 18.11 1.33 -8.29
N ARG A 435 18.48 2.21 -7.37
CA ARG A 435 19.78 2.12 -6.74
C ARG A 435 19.93 0.78 -6.05
N TYR A 436 18.90 0.38 -5.31
CA TYR A 436 18.98 -0.88 -4.56
C TYR A 436 18.98 -2.07 -5.52
N ALA A 437 18.18 -1.99 -6.57
CA ALA A 437 18.10 -3.08 -7.55
C ALA A 437 19.40 -3.35 -8.28
N VAL A 438 20.21 -2.29 -8.48
CA VAL A 438 21.51 -2.44 -9.12
C VAL A 438 22.54 -2.90 -8.10
N ASP A 439 22.52 -2.34 -6.89
CA ASP A 439 23.58 -2.58 -5.91
C ASP A 439 23.42 -3.94 -5.19
N ARG A 440 22.18 -4.38 -4.99
CA ARG A 440 21.93 -5.61 -4.25
C ARG A 440 22.11 -6.80 -5.15
N LYS A 441 22.94 -7.75 -4.72
CA LYS A 441 23.10 -9.03 -5.38
C LYS A 441 22.28 -10.11 -4.68
N GLN A 442 21.68 -10.99 -5.46
CA GLN A 442 21.09 -12.19 -4.92
C GLN A 442 20.99 -13.19 -6.04
N PHE A 443 21.26 -14.44 -5.72
CA PHE A 443 21.35 -15.49 -6.72
C PHE A 443 22.45 -15.19 -7.74
N GLY A 444 23.47 -14.48 -7.33
CA GLY A 444 24.65 -14.27 -8.15
C GLY A 444 24.59 -13.12 -9.12
N LYS A 445 23.58 -12.29 -9.02
CA LYS A 445 23.46 -11.18 -9.94
C LYS A 445 22.72 -10.05 -9.24
N SER A 446 22.75 -8.85 -9.84
CA SER A 446 21.94 -7.78 -9.32
C SER A 446 20.45 -8.10 -9.48
N LEU A 447 19.68 -7.61 -8.50
CA LEU A 447 18.24 -7.84 -8.48
C LEU A 447 17.56 -7.37 -9.78
N ILE A 448 18.07 -6.30 -10.38
CA ILE A 448 17.45 -5.74 -11.56
C ILE A 448 17.49 -6.70 -12.73
N GLU A 449 18.27 -7.79 -12.66
CA GLU A 449 18.26 -8.78 -13.70
C GLU A 449 17.02 -9.68 -13.68
N PHE A 450 16.23 -9.65 -12.61
CA PHE A 450 15.04 -10.45 -12.50
C PHE A 450 13.85 -9.64 -12.96
N PRO A 451 13.04 -10.17 -13.87
CA PRO A 451 11.88 -9.38 -14.33
C PRO A 451 10.94 -8.90 -13.25
N ARG A 452 10.71 -9.63 -12.18
CA ARG A 452 9.83 -9.09 -11.15
C ARG A 452 10.35 -7.82 -10.52
N VAL A 453 11.64 -7.59 -10.56
CA VAL A 453 12.26 -6.37 -10.06
C VAL A 453 12.27 -5.30 -11.16
N ALA A 454 12.83 -5.66 -12.32
CA ALA A 454 12.91 -4.72 -13.42
C ALA A 454 11.54 -4.24 -13.87
N ASP A 455 10.53 -5.12 -13.88
CA ASP A 455 9.21 -4.73 -14.31
C ASP A 455 8.61 -3.70 -13.37
N LYS A 456 8.86 -3.82 -12.07
CA LYS A 456 8.34 -2.84 -11.14
C LYS A 456 8.89 -1.46 -11.46
N LEU A 457 10.19 -1.43 -11.79
CA LEU A 457 10.87 -0.16 -12.04
C LEU A 457 10.42 0.41 -13.38
N ALA A 458 10.28 -0.44 -14.40
CA ALA A 458 9.79 0.00 -15.70
C ALA A 458 8.41 0.63 -15.57
N MET A 459 7.54 -0.03 -14.83
CA MET A 459 6.19 0.49 -14.69
C MET A 459 6.17 1.78 -13.90
N MET A 460 7.09 1.97 -12.95
CA MET A 460 7.23 3.27 -12.29
C MET A 460 7.58 4.34 -13.30
N ALA A 461 8.56 4.10 -14.14
CA ALA A 461 8.96 5.12 -15.07
C ALA A 461 7.83 5.51 -16.00
N VAL A 462 7.06 4.53 -16.43
CA VAL A 462 5.92 4.76 -17.31
C VAL A 462 4.87 5.61 -16.61
N GLU A 463 4.43 5.17 -15.42
CA GLU A 463 3.33 5.85 -14.75
C GLU A 463 3.77 7.23 -14.28
N ILE A 464 5.03 7.37 -13.84
CA ILE A 464 5.55 8.66 -13.48
C ILE A 464 5.41 9.62 -14.65
N MET A 465 5.83 9.19 -15.85
CA MET A 465 5.75 10.07 -17.00
C MET A 465 4.33 10.40 -17.34
N ILE A 466 3.43 9.42 -17.23
CA ILE A 466 2.02 9.70 -17.50
C ILE A 466 1.49 10.76 -16.54
N ALA A 467 1.75 10.58 -15.26
CA ALA A 467 1.30 11.55 -14.27
C ALA A 467 1.95 12.91 -14.45
N ARG A 468 3.22 12.92 -14.82
CA ARG A 468 3.93 14.17 -15.07
C ARG A 468 3.28 14.92 -16.24
N GLN A 469 2.94 14.22 -17.29
CA GLN A 469 2.39 14.93 -18.44
C GLN A 469 0.98 15.43 -18.20
N LEU A 470 0.19 14.72 -17.40
CA LEU A 470 -1.13 15.23 -16.99
C LEU A 470 -0.96 16.50 -16.16
N THR A 471 0.03 16.49 -15.27
CA THR A 471 0.32 17.65 -14.42
C THR A 471 0.78 18.83 -15.26
N TYR A 472 1.70 18.58 -16.17
CA TYR A 472 2.22 19.65 -17.00
C TYR A 472 1.15 20.21 -17.92
N PHE A 473 0.22 19.37 -18.41
CA PHE A 473 -0.90 19.88 -19.21
C PHE A 473 -1.77 20.81 -18.38
N SER A 474 -2.03 20.43 -17.14
CA SER A 474 -2.85 21.27 -16.29
C SER A 474 -2.18 22.61 -16.05
N ALA A 475 -0.87 22.60 -15.81
CA ALA A 475 -0.12 23.82 -15.63
C ALA A 475 -0.08 24.67 -16.88
N TRP A 476 0.04 24.04 -18.05
CA TRP A 476 0.03 24.76 -19.33
C TRP A 476 -1.28 25.51 -19.47
N GLU A 477 -2.38 24.84 -19.19
CA GLU A 477 -3.69 25.48 -19.26
C GLU A 477 -3.78 26.63 -18.28
N LYS A 478 -3.36 26.41 -17.03
CA LYS A 478 -3.41 27.48 -16.04
C LYS A 478 -2.58 28.67 -16.48
N ASP A 479 -1.40 28.42 -17.04
CA ASP A 479 -0.49 29.49 -17.42
C ASP A 479 -1.03 30.30 -18.59
N HIS A 480 -2.00 29.76 -19.31
CA HIS A 480 -2.69 30.51 -20.35
C HIS A 480 -4.01 31.06 -19.85
N GLY A 481 -4.29 30.96 -18.56
CA GLY A 481 -5.52 31.46 -17.97
C GLY A 481 -6.76 30.72 -18.31
N ARG A 482 -6.63 29.49 -18.79
CA ARG A 482 -7.77 28.68 -19.13
C ARG A 482 -8.23 27.84 -17.93
N ARG A 483 -9.51 27.54 -17.91
CA ARG A 483 -10.06 26.70 -16.86
C ARG A 483 -9.44 25.32 -16.94
N CYS A 484 -9.05 24.79 -15.78
CA CYS A 484 -8.34 23.51 -15.76
C CYS A 484 -8.61 22.72 -14.48
N ASP A 485 -9.74 22.93 -13.85
CA ASP A 485 -10.05 22.22 -12.64
C ASP A 485 -10.20 20.74 -12.87
N LEU A 486 -10.80 20.30 -13.99
CA LEU A 486 -10.95 18.88 -14.29
C LEU A 486 -9.60 18.25 -14.47
N GLU A 487 -8.76 18.84 -15.34
CA GLU A 487 -7.47 18.25 -15.64
C GLU A 487 -6.56 18.22 -14.41
N ALA A 488 -6.58 19.29 -13.63
CA ALA A 488 -5.77 19.33 -12.42
C ALA A 488 -6.23 18.27 -11.44
N GLY A 489 -7.54 18.07 -11.33
CA GLY A 489 -8.06 17.06 -10.44
C GLY A 489 -7.65 15.66 -10.86
N MET A 490 -7.66 15.41 -12.17
CA MET A 490 -7.23 14.13 -12.72
C MET A 490 -5.77 13.88 -12.39
N ALA A 491 -4.93 14.94 -12.54
CA ALA A 491 -3.51 14.80 -12.22
C ALA A 491 -3.31 14.43 -10.76
N LYS A 492 -4.08 15.07 -9.87
CA LYS A 492 -4.00 14.79 -8.45
C LYS A 492 -4.47 13.37 -8.13
N LEU A 493 -5.55 12.94 -8.78
CA LEU A 493 -6.10 11.62 -8.56
C LEU A 493 -5.11 10.56 -8.99
N LEU A 494 -4.64 10.65 -10.25
CA LEU A 494 -3.69 9.63 -10.71
C LEU A 494 -2.38 9.72 -9.98
N GLY A 495 -1.86 10.94 -9.81
CA GLY A 495 -0.53 11.06 -9.25
C GLY A 495 -0.39 10.45 -7.86
N ALA A 496 -1.38 10.66 -7.01
CA ALA A 496 -1.29 10.08 -5.66
C ALA A 496 -1.25 8.58 -5.73
N ARG A 497 -2.04 7.97 -6.61
CA ARG A 497 -2.02 6.53 -6.73
C ARG A 497 -0.69 6.05 -7.24
N VAL A 498 -0.15 6.72 -8.26
CA VAL A 498 1.15 6.34 -8.85
C VAL A 498 2.25 6.39 -7.81
N ALA A 499 2.27 7.41 -6.98
CA ALA A 499 3.29 7.52 -5.97
C ALA A 499 3.19 6.43 -4.92
N TRP A 500 1.95 6.14 -4.49
CA TRP A 500 1.72 5.06 -3.50
C TRP A 500 2.18 3.71 -4.03
N ALA A 501 1.78 3.39 -5.28
CA ALA A 501 2.24 2.15 -5.88
C ALA A 501 3.74 2.10 -6.07
N ALA A 502 4.36 3.24 -6.42
CA ALA A 502 5.78 3.27 -6.62
C ALA A 502 6.51 3.03 -5.32
N ALA A 503 6.05 3.63 -4.21
CA ALA A 503 6.71 3.45 -2.94
C ALA A 503 6.52 2.00 -2.47
N ASP A 504 5.32 1.46 -2.65
CA ASP A 504 5.05 0.08 -2.24
C ASP A 504 5.97 -0.91 -2.95
N ASN A 505 6.03 -0.80 -4.28
CA ASN A 505 6.89 -1.69 -5.04
C ASN A 505 8.38 -1.42 -4.83
N ALA A 506 8.79 -0.17 -4.62
CA ALA A 506 10.19 0.06 -4.33
C ALA A 506 10.58 -0.56 -2.99
N LEU A 507 9.67 -0.53 -2.01
CA LEU A 507 9.94 -1.20 -0.74
C LEU A 507 10.13 -2.70 -0.98
N GLN A 508 9.26 -3.29 -1.80
CA GLN A 508 9.34 -4.72 -2.08
C GLN A 508 10.75 -5.09 -2.56
N ILE A 509 11.30 -4.28 -3.46
CA ILE A 509 12.62 -4.52 -4.05
C ILE A 509 13.70 -4.58 -2.97
N HIS A 510 13.50 -3.87 -1.85
CA HIS A 510 14.47 -3.89 -0.76
C HIS A 510 14.36 -5.15 0.11
N GLY A 511 13.29 -5.90 0.01
CA GLY A 511 13.10 -6.99 0.96
C GLY A 511 13.03 -6.46 2.37
N GLY A 512 13.60 -7.22 3.29
CA GLY A 512 13.48 -6.86 4.70
C GLY A 512 13.99 -5.48 5.00
N ASN A 513 15.10 -5.10 4.34
CA ASN A 513 15.69 -3.79 4.55
C ASN A 513 14.72 -2.66 4.24
N GLY A 514 13.67 -2.91 3.48
CA GLY A 514 12.69 -1.88 3.24
C GLY A 514 12.00 -1.36 4.48
N PHE A 515 12.02 -2.11 5.56
CA PHE A 515 11.39 -1.68 6.80
C PHE A 515 12.36 -0.99 7.75
N ALA A 516 13.65 -0.98 7.46
CA ALA A 516 14.62 -0.38 8.35
C ALA A 516 14.60 1.13 8.14
N LEU A 517 14.55 1.88 9.24
CA LEU A 517 14.52 3.34 9.07
C LEU A 517 15.78 3.86 8.41
N GLU A 518 16.89 3.14 8.57
CA GLU A 518 18.12 3.46 7.84
C GLU A 518 17.93 3.59 6.35
N TYR A 519 16.93 2.91 5.80
CA TYR A 519 16.67 2.93 4.39
C TYR A 519 15.53 3.95 4.17
N ALA A 520 15.77 4.87 3.30
CA ALA A 520 14.83 5.95 3.08
C ALA A 520 13.46 5.49 2.62
N ILE A 521 13.35 4.32 1.98
CA ILE A 521 12.08 3.87 1.43
C ILE A 521 11.03 3.69 2.51
N SER A 522 11.42 3.36 3.74
CA SER A 522 10.44 3.20 4.78
C SER A 522 9.70 4.49 5.06
N ARG A 523 10.45 5.60 5.04
CA ARG A 523 9.86 6.92 5.18
C ARG A 523 9.06 7.34 3.97
N VAL A 524 9.60 7.11 2.79
CA VAL A 524 8.91 7.44 1.56
C VAL A 524 7.56 6.74 1.43
N LEU A 525 7.47 5.49 1.90
CA LEU A 525 6.19 4.80 1.90
C LEU A 525 5.14 5.62 2.65
N CYS A 526 5.51 6.08 3.83
CA CYS A 526 4.58 6.86 4.63
C CYS A 526 4.24 8.20 4.01
N ASP A 527 5.22 8.85 3.40
CA ASP A 527 4.99 10.09 2.69
C ASP A 527 4.02 9.90 1.54
N ALA A 528 4.21 8.84 0.76
CA ALA A 528 3.36 8.62 -0.38
C ALA A 528 1.90 8.35 0.05
N ARG A 529 1.72 7.72 1.22
CA ARG A 529 0.38 7.32 1.62
C ARG A 529 -0.48 8.54 1.90
N ILE A 530 0.12 9.65 2.34
CA ILE A 530 -0.71 10.79 2.70
C ILE A 530 -1.32 11.47 1.49
N LEU A 531 -0.79 11.24 0.31
CA LEU A 531 -1.09 12.05 -0.86
C LEU A 531 -2.55 12.03 -1.28
N ASN A 532 -3.25 10.92 -1.07
CA ASN A 532 -4.64 10.78 -1.43
C ASN A 532 -5.62 11.11 -0.29
N ILE A 533 -5.13 11.80 0.74
CA ILE A 533 -5.90 12.24 1.90
C ILE A 533 -5.63 13.69 2.27
N PHE A 534 -4.34 14.07 2.34
CA PHE A 534 -3.97 15.30 3.07
C PHE A 534 -4.47 16.61 2.44
N GLU A 535 -4.79 16.62 1.15
CA GLU A 535 -5.37 17.77 0.46
C GLU A 535 -6.76 17.44 -0.03
N GLY A 536 -7.39 16.49 0.64
CA GLY A 536 -8.68 15.99 0.32
C GLY A 536 -8.64 14.54 -0.08
N ALA A 537 -9.66 13.79 0.31
CA ALA A 537 -9.69 12.36 -0.01
C ALA A 537 -9.93 12.11 -1.50
N ALA A 538 -9.27 11.09 -2.03
CA ALA A 538 -9.46 10.71 -3.41
C ALA A 538 -10.91 10.44 -3.77
N GLU A 539 -11.68 9.94 -2.81
CA GLU A 539 -13.08 9.69 -3.07
C GLU A 539 -13.82 10.99 -3.40
N ILE A 540 -13.48 12.07 -2.69
CA ILE A 540 -14.10 13.35 -2.93
C ILE A 540 -13.60 13.93 -4.25
N GLN A 541 -12.31 13.78 -4.55
CA GLN A 541 -11.81 14.24 -5.84
C GLN A 541 -12.53 13.57 -6.99
N ALA A 542 -12.76 12.26 -6.90
CA ALA A 542 -13.48 11.56 -7.93
C ALA A 542 -14.93 12.02 -8.05
N GLN A 543 -15.53 12.38 -6.92
CA GLN A 543 -16.89 12.89 -6.89
C GLN A 543 -16.98 14.21 -7.64
N VAL A 544 -16.04 15.13 -7.36
CA VAL A 544 -16.02 16.43 -8.00
C VAL A 544 -15.84 16.30 -9.50
N ILE A 545 -14.94 15.41 -9.93
CA ILE A 545 -14.72 15.19 -11.35
C ILE A 545 -16.01 14.69 -11.99
N ALA A 546 -16.67 13.72 -11.36
CA ALA A 546 -17.87 13.15 -11.97
C ALA A 546 -18.96 14.17 -12.10
N ARG A 547 -19.12 15.02 -11.09
CA ARG A 547 -20.14 16.07 -11.15
C ARG A 547 -19.83 17.03 -12.30
N ARG A 548 -18.56 17.41 -12.48
CA ARG A 548 -18.22 18.29 -13.57
C ARG A 548 -18.44 17.62 -14.92
N LEU A 549 -18.14 16.32 -15.04
CA LEU A 549 -18.31 15.64 -16.33
C LEU A 549 -19.77 15.52 -16.69
N LEU A 550 -20.66 15.53 -15.71
CA LEU A 550 -22.09 15.45 -15.98
C LEU A 550 -22.67 16.74 -16.53
N ASP A 551 -22.01 17.85 -16.24
CA ASP A 551 -22.49 19.15 -16.66
C ASP A 551 -22.84 19.15 -18.13
N MET B 7 -31.80 -11.11 -6.98
CA MET B 7 -30.33 -11.24 -7.05
C MET B 7 -29.94 -12.69 -7.06
N PRO B 8 -28.78 -13.02 -7.64
CA PRO B 8 -28.37 -14.44 -7.67
C PRO B 8 -28.32 -15.09 -6.30
N ALA B 9 -27.91 -14.34 -5.29
CA ALA B 9 -27.83 -14.85 -3.93
C ALA B 9 -29.18 -15.30 -3.39
N ASP B 10 -30.30 -14.86 -3.98
CA ASP B 10 -31.60 -15.32 -3.51
C ASP B 10 -31.82 -16.81 -3.72
N THR B 11 -31.10 -17.44 -4.66
CA THR B 11 -31.20 -18.87 -4.97
C THR B 11 -29.82 -19.48 -4.86
N PRO B 12 -29.33 -19.70 -3.64
CA PRO B 12 -27.95 -20.17 -3.47
C PRO B 12 -27.70 -21.50 -4.15
N SER B 13 -28.68 -22.40 -4.22
CA SER B 13 -28.46 -23.69 -4.88
C SER B 13 -28.15 -23.49 -6.37
N ALA B 14 -28.79 -22.50 -7.01
CA ALA B 14 -28.53 -22.25 -8.43
C ALA B 14 -27.14 -21.67 -8.60
N LEU B 15 -26.75 -20.80 -7.67
CA LEU B 15 -25.42 -20.23 -7.68
C LEU B 15 -24.34 -21.32 -7.56
N LEU B 16 -24.56 -22.31 -6.67
CA LEU B 16 -23.59 -23.36 -6.53
C LEU B 16 -23.54 -24.20 -7.80
N ALA B 17 -24.70 -24.40 -8.42
CA ALA B 17 -24.75 -25.23 -9.61
C ALA B 17 -23.97 -24.56 -10.74
N LEU B 18 -24.18 -23.26 -10.91
CA LEU B 18 -23.40 -22.51 -11.91
C LEU B 18 -21.91 -22.59 -11.62
N ALA B 19 -21.54 -22.49 -10.35
CA ALA B 19 -20.12 -22.51 -10.03
C ALA B 19 -19.50 -23.85 -10.41
N GLY B 20 -20.25 -24.94 -10.19
CA GLY B 20 -19.78 -26.24 -10.63
C GLY B 20 -19.69 -26.39 -12.14
N GLU B 21 -20.64 -25.77 -12.86
CA GLU B 21 -20.62 -25.79 -14.32
C GLU B 21 -19.44 -24.99 -14.87
N ALA B 22 -19.02 -23.94 -14.18
CA ALA B 22 -17.94 -23.06 -14.66
C ALA B 22 -16.56 -23.61 -14.34
N LEU B 23 -16.42 -24.45 -13.34
CA LEU B 23 -15.08 -24.86 -12.91
C LEU B 23 -14.30 -25.59 -14.00
N PRO B 24 -14.89 -26.52 -14.76
CA PRO B 24 -14.09 -27.21 -15.77
C PRO B 24 -13.38 -26.31 -16.74
N GLU B 25 -13.98 -25.22 -17.24
CA GLU B 25 -13.26 -24.40 -18.20
C GLU B 25 -12.12 -23.66 -17.53
N LEU B 26 -12.21 -23.44 -16.22
CA LEU B 26 -11.13 -22.78 -15.51
C LEU B 26 -9.96 -23.74 -15.32
N GLU B 27 -10.27 -25.01 -15.06
CA GLU B 27 -9.21 -26.01 -15.02
C GLU B 27 -8.54 -26.16 -16.38
N SER B 28 -9.33 -26.11 -17.46
CA SER B 28 -8.76 -26.21 -18.81
C SER B 28 -7.86 -25.03 -19.10
N LEU B 29 -8.29 -23.83 -18.68
CA LEU B 29 -7.49 -22.65 -18.82
C LEU B 29 -6.15 -22.80 -18.09
N GLN B 30 -6.19 -23.28 -16.84
CA GLN B 30 -4.95 -23.48 -16.09
CA GLN B 30 -4.96 -23.47 -16.10
C GLN B 30 -4.04 -24.47 -16.80
N SER B 31 -4.63 -25.51 -17.39
CA SER B 31 -3.81 -26.51 -18.10
C SER B 31 -3.18 -25.92 -19.36
N ARG B 32 -3.93 -25.14 -20.12
CA ARG B 32 -3.37 -24.47 -21.27
C ARG B 32 -2.24 -23.54 -20.85
N ALA B 33 -2.46 -22.81 -19.76
CA ALA B 33 -1.43 -21.91 -19.25
C ALA B 33 -0.15 -22.64 -18.88
N THR B 34 -0.29 -23.78 -18.24
CA THR B 34 0.84 -24.59 -17.83
C THR B 34 1.62 -25.08 -19.06
N GLU B 35 0.90 -25.62 -20.05
CA GLU B 35 1.55 -26.09 -21.27
CA GLU B 35 1.56 -26.09 -21.25
C GLU B 35 2.24 -24.96 -21.99
N ALA B 36 1.59 -23.77 -22.03
CA ALA B 36 2.19 -22.58 -22.63
C ALA B 36 3.47 -22.19 -21.90
N LEU B 37 3.46 -22.23 -20.57
CA LEU B 37 4.68 -21.85 -19.87
C LEU B 37 5.77 -22.87 -20.17
N ARG B 38 5.43 -24.16 -20.19
CA ARG B 38 6.41 -25.21 -20.43
C ARG B 38 7.08 -25.04 -21.78
N ALA B 39 6.31 -24.59 -22.78
CA ALA B 39 6.87 -24.40 -24.11
C ALA B 39 7.87 -23.25 -24.11
N LEU B 40 7.67 -22.25 -23.25
CA LEU B 40 8.56 -21.10 -23.14
C LEU B 40 9.84 -21.46 -22.38
N VAL B 41 9.71 -22.15 -21.24
CA VAL B 41 10.84 -22.29 -20.33
C VAL B 41 11.50 -23.67 -20.38
N ALA B 42 10.86 -24.66 -20.99
CA ALA B 42 11.38 -26.03 -21.04
C ALA B 42 11.12 -26.58 -22.43
N PRO B 43 11.61 -25.90 -23.47
CA PRO B 43 11.25 -26.30 -24.82
C PRO B 43 11.67 -27.70 -25.19
N ALA B 44 12.76 -28.23 -24.62
CA ALA B 44 13.20 -29.61 -24.89
C ALA B 44 12.82 -30.63 -23.81
N GLY B 45 12.14 -30.19 -22.76
CA GLY B 45 11.82 -31.01 -21.61
C GLY B 45 12.29 -30.44 -20.28
N LYS B 46 13.58 -30.20 -20.15
CA LYS B 46 14.08 -29.74 -18.86
C LYS B 46 13.90 -28.22 -18.74
N PRO B 47 13.37 -27.72 -17.63
CA PRO B 47 13.30 -26.27 -17.47
C PRO B 47 14.70 -25.69 -17.47
N GLN B 48 14.86 -24.59 -18.24
CA GLN B 48 16.17 -23.96 -18.40
C GLN B 48 16.22 -22.73 -17.52
N PRO B 49 17.17 -22.60 -16.61
CA PRO B 49 17.17 -21.43 -15.71
C PRO B 49 17.11 -20.10 -16.42
N ALA B 50 17.81 -19.92 -17.53
CA ALA B 50 17.83 -18.61 -18.12
C ALA B 50 16.49 -18.25 -18.74
N LEU B 51 15.74 -19.26 -19.20
CA LEU B 51 14.41 -19.04 -19.73
C LEU B 51 13.38 -18.84 -18.64
N LEU B 52 13.52 -19.53 -17.52
CA LEU B 52 12.65 -19.30 -16.38
C LEU B 52 12.79 -17.85 -15.94
N GLU B 53 14.02 -17.35 -15.98
CA GLU B 53 14.29 -15.97 -15.57
C GLU B 53 13.72 -15.01 -16.60
N GLN B 54 13.99 -15.23 -17.87
CA GLN B 54 13.50 -14.31 -18.90
C GLN B 54 11.98 -14.19 -18.84
N HIS B 55 11.31 -15.33 -18.62
CA HIS B 55 9.85 -15.44 -18.66
C HIS B 55 9.24 -15.42 -17.28
N GLN B 56 9.91 -14.79 -16.33
CA GLN B 56 9.46 -14.80 -14.96
C GLN B 56 8.07 -14.19 -14.81
N HIS B 57 7.75 -13.13 -15.56
CA HIS B 57 6.42 -12.54 -15.39
C HIS B 57 5.34 -13.56 -15.77
N ALA B 58 5.49 -14.22 -16.90
CA ALA B 58 4.55 -15.24 -17.32
C ALA B 58 4.47 -16.38 -16.32
N ALA B 59 5.59 -16.80 -15.77
CA ALA B 59 5.60 -17.89 -14.81
C ALA B 59 4.82 -17.51 -13.59
N HIS B 60 5.03 -16.30 -13.06
CA HIS B 60 4.32 -15.91 -11.88
C HIS B 60 2.88 -15.61 -12.21
N ALA B 61 2.56 -15.24 -13.46
CA ALA B 61 1.17 -15.14 -13.84
C ALA B 61 0.49 -16.49 -13.79
N LEU B 62 1.18 -17.54 -14.15
CA LEU B 62 0.64 -18.88 -13.96
C LEU B 62 0.35 -19.15 -12.50
N SER B 63 1.27 -18.78 -11.61
CA SER B 63 1.06 -19.04 -10.20
C SER B 63 -0.17 -18.33 -9.70
N TRP B 64 -0.34 -17.07 -10.09
CA TRP B 64 -1.46 -16.27 -9.60
C TRP B 64 -2.80 -16.70 -10.23
N LEU B 65 -2.81 -17.04 -11.52
CA LEU B 65 -3.97 -17.64 -12.16
C LEU B 65 -4.39 -18.89 -11.43
N THR B 66 -3.45 -19.78 -11.14
CA THR B 66 -3.75 -21.04 -10.48
C THR B 66 -4.31 -20.75 -9.08
N THR B 67 -3.72 -19.79 -8.39
CA THR B 67 -4.21 -19.36 -7.09
C THR B 67 -5.66 -18.94 -7.19
N TYR B 68 -6.04 -18.19 -8.21
CA TYR B 68 -7.41 -17.79 -8.38
C TYR B 68 -8.32 -18.96 -8.73
N VAL B 69 -7.90 -19.92 -9.56
CA VAL B 69 -8.73 -21.10 -9.78
C VAL B 69 -8.95 -21.85 -8.47
N GLU B 70 -7.91 -22.08 -7.69
CA GLU B 70 -8.06 -22.78 -6.42
C GLU B 70 -8.91 -21.98 -5.45
N SER B 71 -8.79 -20.65 -5.46
CA SER B 71 -9.63 -19.82 -4.62
C SER B 71 -11.08 -20.00 -4.98
N ILE B 72 -11.41 -20.03 -6.25
CA ILE B 72 -12.77 -20.26 -6.71
C ILE B 72 -13.25 -21.65 -6.31
N ARG B 73 -12.41 -22.66 -6.49
CA ARG B 73 -12.74 -24.03 -6.10
C ARG B 73 -13.08 -24.11 -4.62
N GLN B 74 -12.23 -23.52 -3.77
CA GLN B 74 -12.42 -23.60 -2.33
C GLN B 74 -13.55 -22.71 -1.84
N LEU B 75 -13.80 -21.59 -2.48
CA LEU B 75 -14.96 -20.79 -2.11
C LEU B 75 -16.24 -21.52 -2.42
N SER B 76 -16.32 -22.14 -3.59
CA SER B 76 -17.48 -22.92 -3.98
C SER B 76 -17.64 -24.12 -3.07
N GLY B 77 -16.56 -24.76 -2.69
CA GLY B 77 -16.65 -25.91 -1.81
C GLY B 77 -17.13 -25.54 -0.42
N TRP B 78 -16.60 -24.43 0.12
CA TRP B 78 -17.05 -23.89 1.40
C TRP B 78 -18.56 -23.70 1.38
N ALA B 79 -19.05 -22.99 0.39
CA ALA B 79 -20.49 -22.73 0.33
C ALA B 79 -21.29 -24.00 0.16
N GLY B 80 -20.75 -24.96 -0.60
CA GLY B 80 -21.44 -26.23 -0.79
C GLY B 80 -21.56 -27.01 0.50
N ARG B 81 -20.52 -26.99 1.31
CA ARG B 81 -20.61 -27.68 2.60
C ARG B 81 -21.53 -26.91 3.56
N LEU B 82 -21.53 -25.58 3.54
CA LEU B 82 -22.53 -24.86 4.30
C LEU B 82 -23.93 -25.26 3.89
N ALA B 83 -24.19 -25.38 2.59
CA ALA B 83 -25.54 -25.71 2.15
C ALA B 83 -25.95 -27.08 2.64
N GLU B 84 -25.02 -28.04 2.63
CA GLU B 84 -25.34 -29.38 3.09
C GLU B 84 -25.72 -29.36 4.54
N ALA B 85 -25.16 -28.47 5.32
CA ALA B 85 -25.43 -28.34 6.74
C ALA B 85 -26.58 -27.38 7.06
N GLY B 86 -27.20 -26.79 6.05
CA GLY B 86 -28.28 -25.84 6.29
C GLY B 86 -27.83 -24.46 6.74
N ASN B 87 -26.57 -24.10 6.46
CA ASN B 87 -25.96 -22.90 6.99
C ASN B 87 -25.53 -21.93 5.90
N LEU B 88 -26.00 -22.11 4.66
CA LEU B 88 -25.71 -21.15 3.58
C LEU B 88 -26.73 -20.02 3.61
N GLY B 89 -26.45 -19.05 4.48
CA GLY B 89 -27.34 -17.93 4.71
C GLY B 89 -27.01 -16.77 3.80
N ARG B 90 -27.70 -15.66 4.04
CA ARG B 90 -27.68 -14.56 3.07
C ARG B 90 -26.29 -13.96 2.96
N ILE B 91 -25.65 -13.70 4.08
CA ILE B 91 -24.33 -13.07 4.04
C ILE B 91 -23.35 -13.98 3.29
N GLU B 92 -23.45 -15.29 3.52
CA GLU B 92 -22.52 -16.21 2.87
C GLU B 92 -22.82 -16.33 1.37
N ALA B 93 -24.10 -16.31 1.01
CA ALA B 93 -24.48 -16.38 -0.39
C ALA B 93 -24.02 -15.14 -1.15
N LEU B 94 -24.08 -13.98 -0.53
CA LEU B 94 -23.55 -12.75 -1.13
C LEU B 94 -22.04 -12.79 -1.26
N ILE B 95 -21.33 -13.31 -0.26
CA ILE B 95 -19.90 -13.48 -0.38
C ILE B 95 -19.57 -14.36 -1.57
N LEU B 96 -20.31 -15.47 -1.72
CA LEU B 96 -20.12 -16.34 -2.88
C LEU B 96 -20.40 -15.61 -4.19
N GLN B 97 -21.53 -14.91 -4.26
CA GLN B 97 -21.87 -14.20 -5.48
C GLN B 97 -20.79 -13.20 -5.87
N ILE B 98 -20.40 -12.34 -4.91
CA ILE B 98 -19.47 -11.26 -5.20
C ILE B 98 -18.08 -11.82 -5.48
N GLY B 99 -17.66 -12.81 -4.70
CA GLY B 99 -16.33 -13.38 -4.87
C GLY B 99 -16.17 -14.05 -6.22
N LEU B 100 -17.18 -14.83 -6.66
CA LEU B 100 -17.10 -15.46 -7.98
C LEU B 100 -17.06 -14.41 -9.05
N GLY B 101 -17.90 -13.39 -8.90
CA GLY B 101 -17.91 -12.32 -9.87
C GLY B 101 -16.59 -11.63 -10.00
N GLU B 102 -16.02 -11.25 -8.87
CA GLU B 102 -14.79 -10.48 -8.88
C GLU B 102 -13.61 -11.32 -9.37
N TYR B 103 -13.48 -12.54 -8.86
CA TYR B 103 -12.32 -13.34 -9.20
C TYR B 103 -12.40 -13.84 -10.63
N LEU B 104 -13.59 -14.17 -11.14
CA LEU B 104 -13.69 -14.46 -12.56
C LEU B 104 -13.37 -13.24 -13.38
N GLY B 105 -13.84 -12.08 -12.97
CA GLY B 105 -13.56 -10.90 -13.70
C GLY B 105 -12.08 -10.57 -13.78
N GLN B 106 -11.33 -10.84 -12.69
CA GLN B 106 -9.92 -10.60 -12.69
C GLN B 106 -9.17 -11.64 -13.51
N ILE B 107 -9.61 -12.90 -13.52
CA ILE B 107 -9.01 -13.85 -14.46
C ILE B 107 -9.10 -13.28 -15.86
N ALA B 108 -10.28 -12.77 -16.25
CA ALA B 108 -10.49 -12.25 -17.58
C ALA B 108 -9.74 -10.96 -17.86
N GLY B 109 -9.64 -10.08 -16.88
CA GLY B 109 -9.14 -8.75 -17.10
C GLY B 109 -7.79 -8.40 -16.55
N GLY B 110 -7.33 -9.15 -15.55
CA GLY B 110 -6.06 -8.96 -14.92
C GLY B 110 -6.09 -9.15 -13.42
N ILE B 111 -5.19 -9.99 -12.92
CA ILE B 111 -5.06 -10.24 -11.49
C ILE B 111 -3.90 -9.43 -10.93
N PRO B 112 -4.07 -8.61 -9.88
CA PRO B 112 -2.94 -7.82 -9.39
C PRO B 112 -1.99 -8.67 -8.57
N MET B 113 -0.81 -8.93 -9.13
CA MET B 113 0.31 -9.57 -8.44
C MET B 113 0.91 -8.58 -7.47
N SER B 114 1.00 -7.35 -7.91
CA SER B 114 1.34 -6.21 -7.11
C SER B 114 0.47 -5.07 -7.65
N GLN B 115 0.59 -3.87 -7.09
CA GLN B 115 -0.28 -2.81 -7.56
C GLN B 115 -0.16 -2.53 -9.05
N THR B 116 1.00 -2.76 -9.64
CA THR B 116 1.20 -2.39 -11.02
C THR B 116 1.51 -3.55 -11.94
N GLU B 117 1.63 -4.79 -11.41
CA GLU B 117 1.95 -5.97 -12.19
C GLU B 117 0.73 -6.87 -12.19
N PHE B 118 0.14 -7.01 -13.34
CA PHE B 118 -1.06 -7.80 -13.50
C PHE B 118 -0.73 -9.10 -14.22
N ALA B 119 -1.34 -10.18 -13.76
CA ALA B 119 -1.32 -11.46 -14.44
C ALA B 119 -2.51 -11.48 -15.39
N ARG B 120 -2.24 -11.44 -16.68
CA ARG B 120 -3.24 -11.44 -17.71
C ARG B 120 -3.10 -12.67 -18.57
N LEU B 121 -4.22 -13.11 -19.12
CA LEU B 121 -4.17 -14.26 -19.99
C LEU B 121 -3.24 -14.02 -21.18
N SER B 122 -3.18 -12.78 -21.68
CA SER B 122 -2.29 -12.45 -22.79
C SER B 122 -0.83 -12.64 -22.45
N ASP B 123 -0.49 -12.69 -21.16
CA ASP B 123 0.90 -12.87 -20.78
C ASP B 123 1.41 -14.24 -21.18
N LEU B 124 0.51 -15.14 -21.43
CA LEU B 124 0.83 -16.46 -21.96
C LEU B 124 0.14 -16.71 -23.31
N GLU B 125 -0.25 -15.64 -24.00
CA GLU B 125 -0.92 -15.74 -25.29
C GLU B 125 -2.13 -16.67 -25.22
N LEU B 126 -2.88 -16.58 -24.13
CA LEU B 126 -4.09 -17.36 -23.97
C LEU B 126 -5.30 -16.50 -24.26
N ASP B 127 -6.35 -17.18 -24.68
CA ASP B 127 -7.65 -16.57 -24.90
C ASP B 127 -8.66 -17.37 -24.09
N TRP B 128 -9.63 -16.66 -23.53
CA TRP B 128 -10.73 -17.32 -22.84
C TRP B 128 -12.03 -16.64 -23.23
N GLN B 129 -12.93 -17.45 -23.79
CA GLN B 129 -14.30 -17.02 -24.09
C GLN B 129 -15.18 -17.70 -23.07
N PRO B 130 -15.62 -16.99 -22.02
CA PRO B 130 -16.35 -17.66 -20.95
C PRO B 130 -17.61 -18.34 -21.46
N GLY B 131 -17.85 -19.54 -20.95
CA GLY B 131 -19.11 -20.24 -21.19
C GLY B 131 -20.28 -19.54 -20.50
N GLU B 132 -21.48 -20.10 -20.74
CA GLU B 132 -22.70 -19.47 -20.26
C GLU B 132 -22.69 -19.29 -18.75
N ALA B 133 -22.33 -20.33 -18.01
CA ALA B 133 -22.35 -20.21 -16.55
C ALA B 133 -21.30 -19.24 -16.04
N ALA B 134 -20.05 -19.36 -16.52
CA ALA B 134 -18.99 -18.46 -16.11
C ALA B 134 -19.31 -17.00 -16.46
N ALA B 135 -19.86 -16.75 -17.67
CA ALA B 135 -20.19 -15.37 -18.02
C ALA B 135 -21.25 -14.79 -17.09
N LYS B 136 -22.26 -15.60 -16.70
CA LYS B 136 -23.29 -15.14 -15.77
C LYS B 136 -22.68 -14.85 -14.40
N LEU B 137 -21.87 -15.79 -13.92
CA LEU B 137 -21.27 -15.56 -12.62
C LEU B 137 -20.37 -14.36 -12.62
N MET B 138 -19.68 -14.08 -13.73
CA MET B 138 -18.75 -12.98 -13.80
C MET B 138 -19.43 -11.65 -13.60
N ARG B 139 -20.75 -11.58 -13.73
CA ARG B 139 -21.47 -10.34 -13.50
C ARG B 139 -21.95 -10.20 -12.06
N GLY B 140 -21.51 -11.08 -11.15
CA GLY B 140 -22.10 -11.06 -9.83
C GLY B 140 -21.66 -10.00 -8.86
N ASN B 141 -20.56 -9.29 -9.12
CA ASN B 141 -20.10 -8.29 -8.17
C ASN B 141 -20.77 -6.97 -8.55
N THR B 142 -21.98 -6.75 -8.01
CA THR B 142 -22.85 -5.62 -8.33
C THR B 142 -22.97 -4.67 -7.15
N ALA B 143 -23.40 -3.43 -7.48
CA ALA B 143 -23.67 -2.44 -6.44
C ALA B 143 -24.70 -2.90 -5.42
N PRO B 144 -25.86 -3.46 -5.82
CA PRO B 144 -26.81 -3.89 -4.81
C PRO B 144 -26.25 -5.01 -3.93
N ALA B 145 -25.46 -5.91 -4.49
CA ALA B 145 -24.96 -7.01 -3.67
C ALA B 145 -23.96 -6.50 -2.64
N ARG B 146 -23.06 -5.60 -3.03
CA ARG B 146 -22.10 -5.05 -2.12
C ARG B 146 -22.79 -4.25 -1.01
N ALA B 147 -23.82 -3.49 -1.39
CA ALA B 147 -24.52 -2.68 -0.40
C ALA B 147 -25.18 -3.57 0.65
N GLU B 148 -25.80 -4.65 0.20
CA GLU B 148 -26.46 -5.56 1.10
C GLU B 148 -25.46 -6.28 1.96
N LEU B 149 -24.31 -6.66 1.40
CA LEU B 149 -23.27 -7.28 2.20
C LEU B 149 -22.78 -6.35 3.30
N ALA B 150 -22.54 -5.07 2.94
CA ALA B 150 -22.09 -4.15 3.96
C ALA B 150 -23.12 -3.92 5.04
N ARG B 151 -24.39 -3.94 4.68
CA ARG B 151 -25.43 -3.82 5.68
C ARG B 151 -25.41 -5.03 6.65
N LEU B 152 -25.23 -6.24 6.12
CA LEU B 152 -25.18 -7.42 6.97
C LEU B 152 -23.93 -7.45 7.83
N MET B 153 -22.81 -6.91 7.30
CA MET B 153 -21.63 -6.79 8.13
C MET B 153 -21.88 -5.90 9.33
N GLN B 154 -22.61 -4.82 9.14
CA GLN B 154 -22.93 -3.89 10.23
C GLN B 154 -23.75 -4.51 11.29
N ASP B 155 -24.66 -5.37 10.86
CA ASP B 155 -25.61 -6.05 11.71
C ASP B 155 -25.13 -7.47 12.05
N ASN B 156 -23.82 -7.66 12.08
CA ASN B 156 -23.21 -8.94 12.35
C ASN B 156 -22.90 -9.07 13.83
N HIS B 157 -23.43 -8.15 14.65
CA HIS B 157 -23.20 -8.18 16.07
C HIS B 157 -23.25 -9.59 16.61
N GLY B 158 -22.19 -9.96 17.32
CA GLY B 158 -22.13 -11.19 18.05
C GLY B 158 -21.35 -12.28 17.35
N ARG B 159 -21.02 -12.09 16.09
CA ARG B 159 -20.33 -13.14 15.35
C ARG B 159 -18.88 -12.78 15.14
N ALA B 160 -17.99 -13.80 15.14
CA ALA B 160 -16.55 -13.57 15.08
C ALA B 160 -16.00 -13.36 13.67
N THR B 161 -16.77 -13.72 12.64
CA THR B 161 -16.31 -13.59 11.28
C THR B 161 -17.47 -13.05 10.47
N PHE B 162 -17.18 -12.48 9.29
CA PHE B 162 -18.21 -12.03 8.37
C PHE B 162 -18.52 -13.22 7.48
N GLY B 163 -19.56 -13.95 7.89
CA GLY B 163 -19.91 -15.19 7.26
C GLY B 163 -19.43 -16.39 8.07
N ALA B 164 -20.23 -17.46 8.11
CA ALA B 164 -19.82 -18.65 8.77
C ALA B 164 -18.63 -19.27 8.07
N THR B 165 -17.71 -19.84 8.85
CA THR B 165 -16.48 -20.38 8.27
C THR B 165 -16.61 -21.82 7.84
N GLY B 166 -17.62 -22.52 8.33
CA GLY B 166 -17.75 -23.94 8.09
C GLY B 166 -16.89 -24.82 8.95
N LEU B 167 -16.11 -24.24 9.86
CA LEU B 167 -15.32 -25.09 10.73
C LEU B 167 -16.23 -25.77 11.74
N ASP B 168 -15.73 -26.92 12.21
CA ASP B 168 -16.47 -27.69 13.19
C ASP B 168 -16.51 -26.99 14.54
N GLU B 169 -17.39 -27.50 15.41
CA GLU B 169 -17.70 -26.79 16.64
C GLU B 169 -16.51 -26.70 17.58
N ASP B 170 -15.66 -27.71 17.62
CA ASP B 170 -14.50 -27.65 18.50
C ASP B 170 -13.54 -26.55 18.06
N LEU B 171 -13.33 -26.39 16.75
CA LEU B 171 -12.53 -25.28 16.27
C LEU B 171 -13.15 -23.91 16.55
N GLU B 172 -14.47 -23.74 16.40
CA GLU B 172 -15.04 -22.41 16.67
C GLU B 172 -14.99 -22.08 18.16
N MET B 173 -14.97 -23.10 19.02
CA MET B 173 -14.83 -22.89 20.44
C MET B 173 -13.41 -22.47 20.78
N ILE B 174 -12.42 -23.06 20.11
CA ILE B 174 -11.03 -22.57 20.17
C ILE B 174 -10.97 -21.12 19.69
N ARG B 175 -11.64 -20.79 18.57
CA ARG B 175 -11.66 -19.40 18.14
C ARG B 175 -12.16 -18.50 19.25
N ASP B 176 -13.28 -18.89 19.86
CA ASP B 176 -13.88 -18.02 20.83
C ASP B 176 -12.98 -17.88 22.07
N GLN B 177 -12.28 -18.94 22.43
CA GLN B 177 -11.36 -18.85 23.58
C GLN B 177 -10.26 -17.84 23.32
N PHE B 178 -9.62 -17.92 22.15
CA PHE B 178 -8.48 -17.06 21.89
C PHE B 178 -8.89 -15.66 21.47
N ARG B 179 -10.11 -15.51 20.97
CA ARG B 179 -10.62 -14.17 20.74
C ARG B 179 -10.87 -13.49 22.11
N ARG B 180 -11.43 -14.22 23.09
CA ARG B 180 -11.62 -13.61 24.40
C ARG B 180 -10.27 -13.21 25.00
N TYR B 181 -9.24 -14.06 24.83
CA TYR B 181 -7.90 -13.70 25.31
C TYR B 181 -7.38 -12.43 24.63
N ALA B 182 -7.51 -12.36 23.32
CA ALA B 182 -7.01 -11.19 22.61
C ALA B 182 -7.74 -9.93 23.07
N GLU B 183 -9.07 -10.03 23.26
CA GLU B 183 -9.87 -8.88 23.67
C GLU B 183 -9.54 -8.43 25.10
N GLU B 184 -9.18 -9.35 25.97
CA GLU B 184 -8.86 -9.03 27.37
C GLU B 184 -7.44 -8.51 27.51
N ARG B 185 -6.47 -9.10 26.82
CA ARG B 185 -5.07 -8.91 27.17
C ARG B 185 -4.22 -8.32 26.07
N VAL B 186 -4.65 -8.38 24.82
CA VAL B 186 -3.82 -7.89 23.72
C VAL B 186 -4.32 -6.54 23.21
N ILE B 187 -5.55 -6.54 22.70
CA ILE B 187 -6.14 -5.36 22.09
C ILE B 187 -6.10 -4.14 23.02
N PRO B 188 -6.41 -4.27 24.33
CA PRO B 188 -6.39 -3.09 25.21
C PRO B 188 -5.01 -2.53 25.49
N ASN B 189 -3.95 -3.27 25.15
CA ASN B 189 -2.62 -2.96 25.60
C ASN B 189 -1.63 -2.65 24.49
N ALA B 190 -1.94 -2.96 23.23
CA ALA B 190 -0.92 -2.84 22.18
C ALA B 190 -0.50 -1.42 21.93
N HIS B 191 -1.39 -0.45 22.15
CA HIS B 191 -0.99 0.92 21.88
C HIS B 191 0.05 1.36 22.89
N GLU B 192 -0.14 0.96 24.15
CA GLU B 192 0.83 1.25 25.18
C GLU B 192 2.17 0.59 24.84
N TRP B 193 2.13 -0.65 24.34
CA TRP B 193 3.41 -1.32 24.04
C TRP B 193 4.15 -0.56 22.96
N HIS B 194 3.42 -0.13 21.94
CA HIS B 194 3.98 0.68 20.87
C HIS B 194 4.56 1.99 21.42
N LEU B 195 3.76 2.72 22.19
CA LEU B 195 4.22 4.00 22.73
C LEU B 195 5.51 3.87 23.53
N LYS B 196 5.63 2.80 24.30
CA LYS B 196 6.81 2.52 25.11
C LYS B 196 7.91 1.83 24.32
N ASP B 197 7.68 1.53 23.04
CA ASP B 197 8.68 0.86 22.20
C ASP B 197 9.19 -0.43 22.86
N GLN B 198 8.27 -1.17 23.46
CA GLN B 198 8.68 -2.27 24.32
C GLN B 198 8.27 -3.65 23.78
N LEU B 199 9.02 -4.64 24.22
CA LEU B 199 8.68 -6.02 23.90
C LEU B 199 7.32 -6.39 24.47
N ILE B 200 6.62 -7.26 23.76
CA ILE B 200 5.44 -7.91 24.29
C ILE B 200 5.76 -8.35 25.69
N PRO B 201 4.96 -7.99 26.71
CA PRO B 201 5.38 -8.30 28.07
C PRO B 201 5.50 -9.81 28.32
N MET B 202 6.45 -10.16 29.16
CA MET B 202 6.64 -11.55 29.54
C MET B 202 5.37 -12.15 30.14
N GLU B 203 4.50 -11.34 30.78
CA GLU B 203 3.26 -11.84 31.35
C GLU B 203 2.35 -12.45 30.29
N ILE B 204 2.39 -11.89 29.08
CA ILE B 204 1.59 -12.39 27.95
C ILE B 204 2.11 -13.75 27.54
N ILE B 205 3.45 -13.86 27.42
CA ILE B 205 4.08 -15.15 27.12
C ILE B 205 3.69 -16.20 28.15
N GLU B 206 3.77 -15.83 29.44
CA GLU B 206 3.44 -16.80 30.47
C GLU B 206 1.98 -17.24 30.40
N GLU B 207 1.09 -16.30 30.12
CA GLU B 207 -0.33 -16.60 29.98
C GLU B 207 -0.58 -17.55 28.81
N LEU B 208 -0.01 -17.25 27.65
CA LEU B 208 -0.15 -18.12 26.50
C LEU B 208 0.44 -19.50 26.75
N ALA B 209 1.53 -19.56 27.52
CA ALA B 209 2.15 -20.85 27.79
C ALA B 209 1.23 -21.72 28.64
N GLU B 210 0.58 -21.09 29.64
CA GLU B 210 -0.32 -21.84 30.50
C GLU B 210 -1.54 -22.34 29.74
N LEU B 211 -1.96 -21.62 28.68
CA LEU B 211 -3.03 -22.02 27.78
C LEU B 211 -2.60 -23.06 26.76
N GLY B 212 -1.32 -23.42 26.75
CA GLY B 212 -0.83 -24.49 25.90
C GLY B 212 -0.45 -24.07 24.50
N VAL B 213 -0.40 -22.77 24.22
CA VAL B 213 -0.17 -22.27 22.86
C VAL B 213 1.13 -22.79 22.30
N PHE B 214 2.19 -22.81 23.11
CA PHE B 214 3.51 -23.12 22.60
C PHE B 214 3.70 -24.61 22.34
N GLY B 215 2.77 -25.43 22.83
CA GLY B 215 2.77 -26.86 22.50
C GLY B 215 1.49 -27.38 21.88
N LEU B 216 0.73 -26.48 21.23
CA LEU B 216 -0.62 -26.83 20.81
C LEU B 216 -0.60 -28.06 19.92
N THR B 217 0.36 -28.15 18.99
CA THR B 217 0.45 -29.26 18.03
C THR B 217 1.57 -30.24 18.35
N ILE B 218 2.29 -30.06 19.45
CA ILE B 218 3.33 -30.99 19.86
C ILE B 218 2.64 -32.23 20.44
N PRO B 219 3.15 -33.44 20.15
CA PRO B 219 2.50 -34.64 20.65
C PRO B 219 2.42 -34.63 22.18
N GLU B 220 1.39 -35.31 22.70
CA GLU B 220 1.21 -35.36 24.15
C GLU B 220 2.37 -36.07 24.85
N GLU B 221 3.02 -37.00 24.15
CA GLU B 221 4.19 -37.72 24.64
C GLU B 221 5.32 -36.78 25.01
N PHE B 222 5.35 -35.60 24.40
CA PHE B 222 6.37 -34.61 24.69
C PHE B 222 5.84 -33.41 25.45
N GLY B 223 4.68 -33.54 26.06
CA GLY B 223 4.10 -32.46 26.85
C GLY B 223 3.20 -31.51 26.08
N GLY B 224 2.95 -31.75 24.79
CA GLY B 224 2.04 -30.89 24.05
C GLY B 224 0.60 -31.33 24.15
N LEU B 225 -0.27 -30.59 23.47
CA LEU B 225 -1.70 -30.89 23.42
C LEU B 225 -2.10 -31.83 22.28
N GLY B 226 -1.22 -32.07 21.30
CA GLY B 226 -1.52 -32.99 20.23
C GLY B 226 -2.67 -32.58 19.33
N LEU B 227 -2.93 -31.29 19.19
CA LEU B 227 -4.04 -30.80 18.41
C LEU B 227 -3.65 -30.63 16.93
N SER B 228 -4.68 -30.50 16.09
CA SER B 228 -4.52 -30.41 14.65
C SER B 228 -3.88 -29.10 14.21
N LYS B 229 -3.36 -29.13 12.97
CA LYS B 229 -2.86 -27.89 12.39
C LYS B 229 -3.98 -26.87 12.19
N ALA B 230 -5.20 -27.33 11.87
CA ALA B 230 -6.33 -26.41 11.79
C ALA B 230 -6.55 -25.69 13.11
N SER B 231 -6.37 -26.41 14.22
CA SER B 231 -6.50 -25.79 15.52
C SER B 231 -5.50 -24.67 15.68
N MET B 232 -4.24 -24.92 15.28
CA MET B 232 -3.20 -23.90 15.38
C MET B 232 -3.49 -22.72 14.45
N VAL B 233 -4.08 -22.98 13.28
CA VAL B 233 -4.45 -21.87 12.40
C VAL B 233 -5.40 -20.93 13.14
N VAL B 234 -6.45 -21.50 13.73
CA VAL B 234 -7.45 -20.67 14.37
C VAL B 234 -6.85 -19.86 15.52
N VAL B 235 -6.04 -20.51 16.36
CA VAL B 235 -5.35 -19.79 17.44
C VAL B 235 -4.55 -18.62 16.87
N THR B 236 -3.76 -18.90 15.83
CA THR B 236 -2.89 -17.92 15.23
C THR B 236 -3.70 -16.78 14.63
N GLU B 237 -4.80 -17.09 13.97
CA GLU B 237 -5.62 -16.05 13.40
C GLU B 237 -6.14 -15.12 14.48
N GLU B 238 -6.66 -15.68 15.56
CA GLU B 238 -7.22 -14.83 16.60
C GLU B 238 -6.16 -14.04 17.36
N LEU B 239 -5.02 -14.66 17.68
CA LEU B 239 -3.97 -13.93 18.34
C LEU B 239 -3.46 -12.81 17.46
N SER B 240 -3.31 -13.07 16.15
CA SER B 240 -2.79 -12.07 15.21
C SER B 240 -3.77 -10.92 14.99
N ARG B 241 -5.08 -11.23 15.03
CA ARG B 241 -6.09 -10.18 15.03
C ARG B 241 -5.88 -9.21 16.17
N GLY B 242 -5.45 -9.71 17.35
CA GLY B 242 -5.02 -8.85 18.43
C GLY B 242 -3.76 -8.05 18.08
N TYR B 243 -2.70 -8.80 17.71
CA TYR B 243 -1.45 -8.21 17.24
C TYR B 243 -0.60 -9.31 16.61
N ILE B 244 -0.11 -9.07 15.39
CA ILE B 244 0.63 -10.10 14.67
C ILE B 244 1.73 -10.71 15.49
N GLY B 245 2.48 -9.92 16.25
CA GLY B 245 3.57 -10.47 17.04
C GLY B 245 3.15 -11.48 18.10
N VAL B 246 1.95 -11.33 18.64
CA VAL B 246 1.44 -12.32 19.57
C VAL B 246 1.16 -13.64 18.84
N GLY B 247 0.56 -13.57 17.65
CA GLY B 247 0.41 -14.75 16.83
C GLY B 247 1.74 -15.38 16.44
N SER B 248 2.75 -14.56 16.16
CA SER B 248 4.04 -15.12 15.80
C SER B 248 4.77 -15.81 16.94
N LEU B 249 4.52 -15.44 18.20
CA LEU B 249 5.07 -16.22 19.32
C LEU B 249 4.70 -17.68 19.19
N GLY B 250 3.43 -17.96 18.89
CA GLY B 250 2.98 -19.31 18.75
C GLY B 250 3.54 -20.00 17.51
N THR B 251 3.65 -19.25 16.40
CA THR B 251 4.24 -19.80 15.17
C THR B 251 5.69 -20.24 15.40
N ARG B 252 6.46 -19.44 16.10
CA ARG B 252 7.86 -19.78 16.28
C ARG B 252 8.03 -21.09 17.02
N SER B 253 7.21 -21.33 18.03
CA SER B 253 7.34 -22.58 18.76
C SER B 253 6.88 -23.75 17.91
N GLU B 254 5.78 -23.47 17.24
CA GLU B 254 5.16 -24.61 16.35
CA GLU B 254 5.13 -24.55 16.29
C GLU B 254 6.24 -25.09 15.17
N ILE B 255 6.91 -24.07 14.61
CA ILE B 255 7.88 -24.37 13.57
C ILE B 255 9.14 -25.01 14.13
N ALA B 256 9.66 -24.50 15.25
CA ALA B 256 10.82 -25.11 15.84
C ALA B 256 10.52 -26.53 16.26
N ALA B 257 9.33 -26.74 16.82
CA ALA B 257 8.97 -28.07 17.23
C ALA B 257 8.86 -29.06 16.05
N GLU B 258 8.26 -28.61 14.93
CA GLU B 258 8.17 -29.47 13.77
C GLU B 258 9.54 -29.79 13.23
N LEU B 259 10.42 -28.78 13.22
CA LEU B 259 11.77 -28.99 12.73
C LEU B 259 12.43 -30.10 13.52
N ILE B 260 12.24 -30.12 14.85
CA ILE B 260 12.87 -31.12 15.71
C ILE B 260 12.13 -32.45 15.63
N LEU B 261 10.81 -32.42 15.58
CA LEU B 261 10.05 -33.65 15.46
C LEU B 261 10.43 -34.40 14.19
N CYS B 262 10.64 -33.69 13.10
CA CYS B 262 10.90 -34.30 11.83
C CYS B 262 12.37 -34.65 11.64
N GLY B 263 13.27 -33.82 12.18
CA GLY B 263 14.69 -33.97 11.91
C GLY B 263 15.60 -34.36 13.09
N GLY B 264 15.09 -34.35 14.27
CA GLY B 264 15.93 -34.58 15.42
C GLY B 264 16.14 -36.05 15.73
N THR B 265 17.20 -36.32 16.48
CA THR B 265 17.39 -37.62 17.09
C THR B 265 16.32 -37.81 18.16
N GLU B 266 16.15 -39.05 18.61
CA GLU B 266 15.21 -39.26 19.71
C GLU B 266 15.62 -38.50 20.97
N ALA B 267 16.92 -38.41 21.23
CA ALA B 267 17.42 -37.69 22.40
C ALA B 267 17.14 -36.20 22.29
N GLN B 268 17.25 -35.64 21.07
CA GLN B 268 16.94 -34.23 20.87
C GLN B 268 15.44 -33.98 21.09
N LYS B 269 14.60 -34.88 20.62
CA LYS B 269 13.17 -34.70 20.82
C LYS B 269 12.85 -34.67 22.31
N ALA B 270 13.43 -35.60 23.06
CA ALA B 270 13.11 -35.71 24.48
C ALA B 270 13.67 -34.52 25.26
N LYS B 271 14.78 -33.95 24.81
CA LYS B 271 15.46 -32.87 25.50
C LYS B 271 14.81 -31.51 25.23
N TRP B 272 14.34 -31.28 23.99
CA TRP B 272 13.87 -29.96 23.58
C TRP B 272 12.36 -29.81 23.54
N LEU B 273 11.64 -30.82 23.08
CA LEU B 273 10.21 -30.62 22.86
C LEU B 273 9.42 -30.32 24.12
N PRO B 274 9.67 -30.96 25.29
CA PRO B 274 8.87 -30.59 26.47
C PRO B 274 9.00 -29.15 26.88
N GLY B 275 10.21 -28.59 26.74
CA GLY B 275 10.42 -27.21 27.12
C GLY B 275 9.84 -26.24 26.11
N LEU B 276 9.86 -26.58 24.82
CA LEU B 276 9.12 -25.74 23.88
C LEU B 276 7.64 -25.77 24.20
N ALA B 277 7.13 -26.97 24.51
CA ALA B 277 5.69 -27.10 24.69
C ALA B 277 5.17 -26.33 25.91
N SER B 278 5.99 -26.20 26.96
CA SER B 278 5.63 -25.47 28.16
C SER B 278 5.95 -23.99 28.08
N GLY B 279 6.59 -23.54 27.01
CA GLY B 279 7.09 -22.18 26.93
C GLY B 279 8.33 -21.87 27.78
N GLU B 280 8.91 -22.87 28.42
CA GLU B 280 10.12 -22.66 29.20
C GLU B 280 11.32 -22.44 28.31
N ILE B 281 11.26 -22.92 27.07
CA ILE B 281 12.28 -22.71 26.05
C ILE B 281 11.61 -21.91 24.95
N LEU B 282 12.12 -20.70 24.69
CA LEU B 282 11.67 -19.83 23.60
C LEU B 282 12.69 -19.86 22.47
N SER B 283 12.19 -19.96 21.24
CA SER B 283 13.03 -20.17 20.08
C SER B 283 12.85 -19.06 19.06
N THR B 284 13.89 -18.92 18.23
CA THR B 284 13.75 -18.17 17.00
C THR B 284 14.65 -18.77 15.93
N ALA B 285 14.36 -18.37 14.70
CA ALA B 285 15.09 -18.85 13.54
C ALA B 285 16.20 -17.91 13.16
N VAL B 286 17.36 -18.49 12.94
CA VAL B 286 18.55 -17.71 12.65
C VAL B 286 19.14 -18.16 11.31
N PHE B 287 18.56 -17.60 10.25
CA PHE B 287 18.86 -17.99 8.88
C PHE B 287 19.48 -16.84 8.09
N THR B 288 18.72 -15.76 7.97
CA THR B 288 19.08 -14.60 7.14
C THR B 288 20.40 -13.96 7.59
N GLU B 289 21.13 -13.46 6.59
CA GLU B 289 22.41 -12.79 6.75
C GLU B 289 22.34 -11.48 6.00
N PRO B 290 23.25 -10.54 6.31
CA PRO B 290 23.22 -9.23 5.63
C PRO B 290 23.18 -9.31 4.13
N ASN B 291 23.91 -10.26 3.56
CA ASN B 291 23.97 -10.39 2.09
C ASN B 291 23.15 -11.54 1.48
N THR B 292 22.47 -12.33 2.31
CA THR B 292 21.79 -13.53 1.86
C THR B 292 20.45 -13.62 2.55
N GLY B 293 19.36 -13.68 1.79
CA GLY B 293 18.03 -13.79 2.34
C GLY B 293 17.21 -14.74 1.51
N SER B 294 16.84 -14.32 0.32
CA SER B 294 16.05 -15.20 -0.54
C SER B 294 16.85 -16.43 -0.97
N ASP B 295 18.13 -16.24 -1.24
CA ASP B 295 18.98 -17.36 -1.72
C ASP B 295 19.69 -18.04 -0.57
N LEU B 296 18.89 -18.61 0.33
CA LEU B 296 19.40 -19.07 1.63
C LEU B 296 20.40 -20.19 1.46
N GLY B 297 20.29 -20.97 0.39
CA GLY B 297 21.25 -22.04 0.17
C GLY B 297 22.67 -21.58 0.03
N SER B 298 22.88 -20.31 -0.30
CA SER B 298 24.18 -19.72 -0.51
C SER B 298 24.76 -19.03 0.74
N LEU B 299 24.19 -19.22 1.90
CA LEU B 299 24.62 -18.52 3.09
C LEU B 299 26.05 -18.82 3.46
N ARG B 300 26.61 -17.87 4.21
CA ARG B 300 28.05 -17.83 4.45
C ARG B 300 28.49 -18.07 5.88
N THR B 301 27.61 -17.96 6.87
CA THR B 301 28.01 -18.25 8.24
C THR B 301 28.52 -19.68 8.26
N ARG B 302 29.67 -19.88 8.92
CA ARG B 302 30.32 -21.18 8.92
C ARG B 302 30.33 -21.78 10.32
N ALA B 303 30.34 -23.09 10.34
CA ALA B 303 30.51 -23.86 11.57
C ALA B 303 31.68 -24.78 11.32
N VAL B 304 32.65 -24.69 12.23
CA VAL B 304 33.90 -25.43 12.16
C VAL B 304 33.99 -26.39 13.36
N ARG B 305 34.41 -27.63 13.12
CA ARG B 305 34.55 -28.57 14.22
C ARG B 305 35.66 -28.15 15.17
N ASP B 306 35.41 -28.36 16.47
CA ASP B 306 36.43 -28.22 17.51
C ASP B 306 36.23 -29.39 18.46
N GLY B 307 37.02 -30.44 18.26
CA GLY B 307 36.79 -31.66 18.98
C GLY B 307 35.44 -32.20 18.55
N GLU B 308 34.59 -32.48 19.52
CA GLU B 308 33.27 -33.04 19.22
C GLU B 308 32.22 -31.94 19.10
N ASP B 309 32.62 -30.68 19.26
CA ASP B 309 31.70 -29.55 19.24
C ASP B 309 31.97 -28.70 17.99
N TRP B 310 31.32 -27.55 17.92
CA TRP B 310 31.35 -26.70 16.76
C TRP B 310 31.60 -25.28 17.20
N VAL B 311 32.20 -24.47 16.30
CA VAL B 311 32.49 -23.06 16.49
C VAL B 311 31.96 -22.28 15.27
N VAL B 312 31.12 -21.30 15.51
CA VAL B 312 30.36 -20.58 14.49
C VAL B 312 30.87 -19.17 14.37
N THR B 313 31.08 -18.73 13.13
CA THR B 313 31.42 -17.36 12.83
C THR B 313 30.63 -16.92 11.59
N GLY B 314 30.04 -15.76 11.71
CA GLY B 314 29.26 -15.17 10.64
C GLY B 314 28.33 -14.12 11.18
N ASN B 315 27.63 -13.44 10.26
CA ASN B 315 26.68 -12.40 10.59
C ASN B 315 25.29 -12.85 10.19
N LYS B 316 24.33 -12.60 11.06
CA LYS B 316 22.92 -12.87 10.79
C LYS B 316 22.15 -11.58 11.01
N THR B 317 20.98 -11.45 10.37
CA THR B 317 20.23 -10.22 10.52
C THR B 317 18.75 -10.50 10.31
N TRP B 318 17.93 -9.50 10.68
CA TRP B 318 16.49 -9.58 10.66
C TRP B 318 15.97 -10.68 11.57
N ILE B 319 16.64 -10.92 12.71
CA ILE B 319 16.31 -12.03 13.58
C ILE B 319 15.31 -11.55 14.63
N THR B 320 14.10 -12.14 14.59
CA THR B 320 13.03 -11.77 15.49
C THR B 320 13.25 -12.38 16.86
N HIS B 321 12.94 -11.59 17.91
CA HIS B 321 12.94 -12.08 19.28
C HIS B 321 14.30 -12.60 19.74
N ALA B 322 15.39 -12.02 19.22
CA ALA B 322 16.73 -12.54 19.49
C ALA B 322 17.19 -12.35 20.92
N GLN B 323 16.64 -11.39 21.65
CA GLN B 323 17.13 -11.13 23.00
C GLN B 323 16.67 -12.20 23.97
N ARG B 324 15.38 -12.49 23.97
CA ARG B 324 14.78 -13.26 25.04
C ARG B 324 14.81 -14.78 24.84
N THR B 325 15.22 -15.24 23.67
CA THR B 325 15.18 -16.64 23.37
C THR B 325 16.29 -17.47 24.04
N HIS B 326 16.02 -18.76 24.24
CA HIS B 326 16.96 -19.71 24.79
C HIS B 326 17.64 -20.54 23.72
N VAL B 327 17.04 -20.61 22.53
CA VAL B 327 17.59 -21.43 21.48
C VAL B 327 17.31 -20.77 20.14
N MET B 328 18.32 -20.88 19.28
CA MET B 328 18.26 -20.39 17.92
C MET B 328 18.35 -21.60 17.00
N THR B 329 17.39 -21.73 16.08
CA THR B 329 17.52 -22.77 15.05
C THR B 329 18.36 -22.11 13.98
N LEU B 330 19.65 -22.46 13.98
CA LEU B 330 20.70 -21.70 13.30
C LEU B 330 21.24 -22.55 12.14
N LEU B 331 21.17 -21.98 10.94
CA LEU B 331 21.61 -22.65 9.74
C LEU B 331 22.99 -22.12 9.37
N ALA B 332 23.96 -23.02 9.26
CA ALA B 332 25.34 -22.63 9.01
C ALA B 332 25.97 -23.63 8.05
N ARG B 333 27.04 -23.18 7.36
CA ARG B 333 27.74 -24.01 6.41
C ARG B 333 28.86 -24.79 7.10
N THR B 334 28.76 -26.11 7.02
CA THR B 334 29.71 -27.03 7.63
C THR B 334 30.67 -27.62 6.61
N ASP B 335 30.43 -27.46 5.31
CA ASP B 335 31.36 -27.94 4.28
C ASP B 335 31.96 -26.74 3.55
N PRO B 336 33.20 -26.36 3.83
CA PRO B 336 33.77 -25.14 3.24
C PRO B 336 34.06 -25.26 1.75
N GLU B 337 33.94 -26.43 1.16
CA GLU B 337 34.18 -26.58 -0.25
C GLU B 337 32.92 -26.41 -1.06
N THR B 338 31.83 -25.98 -0.40
CA THR B 338 30.53 -25.85 -1.05
C THR B 338 30.05 -24.40 -1.00
N THR B 339 29.17 -24.07 -1.96
CA THR B 339 28.53 -22.78 -2.02
C THR B 339 27.01 -22.88 -2.09
N ASP B 340 26.44 -24.07 -2.02
CA ASP B 340 25.02 -24.27 -2.17
C ASP B 340 24.44 -25.00 -0.94
N TRP B 341 23.17 -25.36 -1.07
CA TRP B 341 22.40 -25.88 0.04
C TRP B 341 22.98 -27.14 0.60
N ARG B 342 23.67 -27.93 -0.18
CA ARG B 342 24.17 -29.21 0.28
C ARG B 342 25.17 -29.10 1.42
N GLY B 343 25.79 -27.95 1.58
CA GLY B 343 26.82 -27.79 2.57
C GLY B 343 26.35 -27.33 3.94
N LEU B 344 25.03 -27.23 4.12
CA LEU B 344 24.44 -26.65 5.31
C LEU B 344 24.00 -27.68 6.34
N SER B 345 24.15 -27.30 7.61
CA SER B 345 23.64 -28.04 8.74
C SER B 345 22.84 -27.10 9.63
N MET B 346 21.89 -27.67 10.36
CA MET B 346 21.01 -26.97 11.28
C MET B 346 21.41 -27.30 12.71
N PHE B 347 21.52 -26.23 13.53
CA PHE B 347 21.91 -26.37 14.92
C PHE B 347 20.82 -25.84 15.82
N LEU B 348 20.70 -26.53 16.95
CA LEU B 348 19.90 -26.08 18.08
C LEU B 348 20.87 -25.30 18.96
N ALA B 349 21.04 -24.02 18.61
CA ALA B 349 22.08 -23.20 19.23
C ALA B 349 21.58 -22.53 20.52
N GLU B 350 21.83 -23.23 21.62
CA GLU B 350 21.41 -22.74 22.93
C GLU B 350 22.19 -21.48 23.27
N LYS B 351 21.52 -20.55 23.93
CA LYS B 351 22.19 -19.36 24.42
C LYS B 351 21.48 -18.88 25.65
N GLU B 352 22.11 -17.93 26.32
CA GLU B 352 21.52 -17.32 27.51
C GLU B 352 20.63 -16.15 27.12
N PRO B 353 19.34 -16.12 27.53
CA PRO B 353 18.53 -14.92 27.31
C PRO B 353 19.15 -13.71 27.96
N GLY B 354 19.00 -12.58 27.28
CA GLY B 354 19.60 -11.34 27.72
C GLY B 354 18.60 -10.40 28.37
N THR B 355 19.09 -9.20 28.68
CA THR B 355 18.34 -8.10 29.25
C THR B 355 18.45 -6.91 28.29
N ASP B 356 17.65 -5.88 28.55
CA ASP B 356 17.67 -4.70 27.69
C ASP B 356 19.07 -4.10 27.59
N ASP B 357 19.77 -4.03 28.72
CA ASP B 357 21.10 -3.46 28.71
C ASP B 357 22.22 -4.46 28.38
N ASP B 358 21.92 -5.75 28.42
CA ASP B 358 22.91 -6.78 28.08
C ASP B 358 22.19 -7.88 27.29
N PRO B 359 21.82 -7.60 26.05
CA PRO B 359 20.94 -8.50 25.33
C PRO B 359 21.58 -9.82 24.92
N PHE B 360 22.90 -9.87 24.76
CA PHE B 360 23.59 -11.04 24.23
C PHE B 360 24.78 -11.41 25.07
N PRO B 361 24.55 -11.89 26.29
CA PRO B 361 25.66 -12.16 27.21
C PRO B 361 26.48 -13.38 26.86
N THR B 362 25.98 -14.24 26.01
CA THR B 362 26.71 -15.46 25.71
C THR B 362 28.00 -15.10 24.97
N PRO B 363 29.14 -15.76 25.31
CA PRO B 363 30.40 -15.42 24.62
C PRO B 363 30.34 -15.74 23.14
N GLY B 364 31.00 -14.91 22.35
CA GLY B 364 31.07 -15.17 20.93
C GLY B 364 29.87 -14.68 20.19
N MET B 365 28.95 -14.01 20.88
CA MET B 365 27.76 -13.46 20.24
C MET B 365 27.56 -12.02 20.62
N THR B 366 27.32 -11.18 19.62
CA THR B 366 26.99 -9.79 19.82
C THR B 366 25.74 -9.50 19.02
N GLY B 367 25.15 -8.35 19.27
CA GLY B 367 24.00 -7.99 18.49
C GLY B 367 23.45 -6.62 18.83
N GLY B 368 22.53 -6.16 17.99
CA GLY B 368 21.89 -4.88 18.24
C GLY B 368 20.54 -4.86 17.57
N GLU B 369 19.62 -4.09 18.15
CA GLU B 369 18.29 -3.94 17.59
C GLU B 369 18.32 -3.14 16.30
N ILE B 370 17.45 -3.51 15.34
CA ILE B 370 17.22 -2.78 14.10
C ILE B 370 16.05 -1.84 14.34
N GLU B 371 16.19 -0.56 14.04
CA GLU B 371 15.04 0.36 14.16
C GLU B 371 14.12 0.15 12.95
N VAL B 372 12.87 -0.34 13.20
CA VAL B 372 11.92 -0.85 12.19
C VAL B 372 10.66 0.01 12.16
N LEU B 373 10.15 0.25 10.96
CA LEU B 373 8.86 0.90 10.76
C LEU B 373 7.76 0.14 11.52
N GLY B 374 6.94 0.88 12.23
CA GLY B 374 5.80 0.30 12.92
C GLY B 374 6.19 -0.20 14.29
N TYR B 375 5.36 -1.09 14.80
CA TYR B 375 5.60 -1.71 16.10
C TYR B 375 5.96 -3.17 15.91
N ARG B 376 7.17 -3.52 16.39
CA ARG B 376 7.68 -4.88 16.33
C ARG B 376 7.88 -5.38 17.75
N GLY B 377 6.89 -6.13 18.25
CA GLY B 377 6.86 -6.49 19.64
C GLY B 377 7.81 -7.59 20.08
N MET B 378 8.43 -8.34 19.18
CA MET B 378 9.52 -9.24 19.54
C MET B 378 10.88 -8.63 19.20
N LYS B 379 10.86 -7.52 18.46
CA LYS B 379 12.02 -6.79 17.90
C LYS B 379 12.83 -7.63 16.92
N GLU B 380 13.58 -6.97 16.05
CA GLU B 380 14.46 -7.67 15.12
C GLU B 380 15.87 -7.15 15.31
N TYR B 381 16.82 -8.02 15.10
CA TYR B 381 18.18 -7.79 15.54
C TYR B 381 19.18 -8.21 14.45
N GLU B 382 20.31 -7.47 14.40
CA GLU B 382 21.51 -7.93 13.75
C GLU B 382 22.35 -8.68 14.77
N LEU B 383 22.90 -9.84 14.39
CA LEU B 383 23.71 -10.66 15.27
C LEU B 383 25.07 -10.94 14.63
N GLY B 384 26.08 -10.91 15.47
CA GLY B 384 27.40 -11.30 15.08
C GLY B 384 27.86 -12.49 15.86
N PHE B 385 28.41 -13.47 15.16
CA PHE B 385 28.95 -14.68 15.75
C PHE B 385 30.44 -14.72 15.49
N ASP B 386 31.22 -14.85 16.55
CA ASP B 386 32.68 -14.88 16.43
C ASP B 386 33.21 -15.93 17.39
N GLY B 387 33.33 -17.16 16.89
CA GLY B 387 33.77 -18.24 17.74
C GLY B 387 32.70 -18.72 18.69
N PHE B 388 31.44 -18.60 18.28
CA PHE B 388 30.31 -18.98 19.14
C PHE B 388 30.20 -20.49 19.17
N ARG B 389 30.11 -21.02 20.37
CA ARG B 389 30.19 -22.46 20.56
C ARG B 389 28.82 -23.12 20.59
N ILE B 390 28.75 -24.28 19.90
CA ILE B 390 27.57 -25.14 19.89
C ILE B 390 28.05 -26.57 20.17
N LYS B 391 27.44 -27.20 21.16
CA LYS B 391 27.72 -28.58 21.46
C LYS B 391 27.42 -29.52 20.30
N GLY B 392 28.23 -30.57 20.19
CA GLY B 392 28.02 -31.54 19.13
C GLY B 392 26.64 -32.17 19.16
N GLU B 393 26.09 -32.35 20.36
CA GLU B 393 24.78 -32.97 20.50
C GLU B 393 23.66 -32.06 20.02
N ASN B 394 23.97 -30.83 19.65
CA ASN B 394 22.97 -29.88 19.19
C ASN B 394 23.01 -29.67 17.67
N LEU B 395 23.79 -30.46 16.96
CA LEU B 395 23.63 -30.54 15.49
C LEU B 395 22.39 -31.40 15.24
N LEU B 396 21.39 -30.79 14.68
CA LEU B 396 20.09 -31.46 14.56
C LEU B 396 20.23 -32.71 13.72
N GLY B 397 19.78 -33.84 14.26
CA GLY B 397 19.84 -35.09 13.57
C GLY B 397 21.16 -35.81 13.63
N GLY B 398 22.24 -35.14 14.06
CA GLY B 398 23.54 -35.73 14.25
C GLY B 398 24.44 -35.86 13.02
N GLU B 399 23.91 -35.70 11.81
CA GLU B 399 24.67 -35.91 10.56
C GLU B 399 24.78 -34.56 9.85
N PRO B 400 25.99 -34.05 9.57
CA PRO B 400 26.12 -32.80 8.82
C PRO B 400 25.60 -32.92 7.40
N GLY B 401 25.17 -31.78 6.86
CA GLY B 401 24.72 -31.71 5.47
C GLY B 401 23.30 -32.09 5.22
N ARG B 402 22.46 -31.99 6.24
CA ARG B 402 21.05 -32.28 6.11
C ARG B 402 20.17 -31.09 6.51
N GLY B 403 20.77 -29.96 6.82
CA GLY B 403 20.00 -28.87 7.39
C GLY B 403 18.98 -28.26 6.46
N PHE B 404 19.33 -28.11 5.19
CA PHE B 404 18.36 -27.51 4.28
C PHE B 404 17.16 -28.44 4.07
N LYS B 405 17.37 -29.75 3.90
CA LYS B 405 16.23 -30.64 3.78
C LYS B 405 15.40 -30.65 5.04
N GLN B 406 16.03 -30.55 6.22
CA GLN B 406 15.28 -30.50 7.46
C GLN B 406 14.43 -29.25 7.53
N LEU B 407 14.97 -28.12 7.11
CA LEU B 407 14.20 -26.88 7.05
C LEU B 407 13.01 -27.01 6.10
N MET B 408 13.24 -27.63 4.94
CA MET B 408 12.15 -27.75 3.95
C MET B 408 10.98 -28.54 4.50
N GLU B 409 11.23 -29.43 5.46
CA GLU B 409 10.14 -30.18 6.06
C GLU B 409 9.15 -29.28 6.82
N THR B 410 9.56 -28.07 7.16
CA THR B 410 8.71 -27.11 7.85
C THR B 410 7.99 -26.14 6.94
N PHE B 411 8.23 -26.19 5.64
CA PHE B 411 7.71 -25.15 4.76
C PHE B 411 6.19 -25.20 4.66
N GLU B 412 5.57 -26.40 4.64
CA GLU B 412 4.10 -26.44 4.58
C GLU B 412 3.52 -25.70 5.77
N SER B 413 4.01 -26.03 6.98
CA SER B 413 3.48 -25.38 8.16
C SER B 413 3.80 -23.89 8.19
N ALA B 414 5.00 -23.50 7.75
CA ALA B 414 5.38 -22.11 7.79
C ALA B 414 4.47 -21.31 6.88
N ARG B 415 4.16 -21.84 5.71
CA ARG B 415 3.29 -21.15 4.77
C ARG B 415 1.86 -21.06 5.32
N ILE B 416 1.36 -22.16 5.88
CA ILE B 416 0.03 -22.15 6.48
C ILE B 416 -0.06 -21.10 7.59
N GLN B 417 0.97 -21.02 8.43
CA GLN B 417 0.94 -20.10 9.56
C GLN B 417 1.11 -18.67 9.11
N THR B 418 1.80 -18.42 8.01
CA THR B 418 1.89 -17.07 7.48
C THR B 418 0.54 -16.62 6.92
N ALA B 419 -0.13 -17.52 6.21
CA ALA B 419 -1.49 -17.28 5.77
C ALA B 419 -2.44 -17.02 6.94
N ALA B 420 -2.33 -17.80 8.01
CA ALA B 420 -3.18 -17.59 9.17
C ALA B 420 -2.94 -16.23 9.83
N ARG B 421 -1.67 -15.82 9.95
CA ARG B 421 -1.36 -14.49 10.46
C ARG B 421 -1.97 -13.43 9.55
N ALA B 422 -1.84 -13.59 8.21
CA ALA B 422 -2.37 -12.62 7.27
C ALA B 422 -3.89 -12.49 7.39
N VAL B 423 -4.57 -13.64 7.56
CA VAL B 423 -6.03 -13.59 7.71
C VAL B 423 -6.43 -12.84 8.98
N GLY B 424 -5.72 -13.07 10.09
CA GLY B 424 -6.03 -12.36 11.30
C GLY B 424 -5.78 -10.87 11.19
N VAL B 425 -4.68 -10.47 10.55
CA VAL B 425 -4.40 -9.06 10.35
C VAL B 425 -5.47 -8.44 9.47
N ALA B 426 -5.81 -9.12 8.37
CA ALA B 426 -6.88 -8.62 7.49
C ALA B 426 -8.19 -8.45 8.24
N GLN B 427 -8.56 -9.46 9.03
CA GLN B 427 -9.76 -9.38 9.83
C GLN B 427 -9.74 -8.18 10.78
N SER B 428 -8.60 -7.93 11.45
CA SER B 428 -8.50 -6.73 12.28
C SER B 428 -8.73 -5.45 11.47
N ALA B 429 -8.13 -5.35 10.28
CA ALA B 429 -8.31 -4.16 9.49
C ALA B 429 -9.77 -3.95 9.13
N ALA B 430 -10.46 -5.03 8.75
CA ALA B 430 -11.87 -4.95 8.37
C ALA B 430 -12.73 -4.51 9.55
N GLU B 431 -12.46 -5.04 10.75
CA GLU B 431 -13.25 -4.67 11.92
C GLU B 431 -13.00 -3.24 12.33
N ILE B 432 -11.73 -2.81 12.28
CA ILE B 432 -11.39 -1.43 12.63
C ILE B 432 -12.03 -0.48 11.62
N GLY B 433 -11.95 -0.83 10.35
CA GLY B 433 -12.57 -0.02 9.32
C GLY B 433 -14.08 0.06 9.48
N MET B 434 -14.71 -1.06 9.77
CA MET B 434 -16.16 -1.07 9.97
C MET B 434 -16.56 -0.17 11.13
N ARG B 435 -15.86 -0.30 12.26
CA ARG B 435 -16.23 0.50 13.43
C ARG B 435 -16.16 1.99 13.10
N TYR B 436 -15.12 2.41 12.39
CA TYR B 436 -14.97 3.82 12.08
C TYR B 436 -16.04 4.24 11.09
N ALA B 437 -16.32 3.40 10.10
CA ALA B 437 -17.28 3.72 9.06
C ALA B 437 -18.68 3.92 9.66
N VAL B 438 -19.00 3.23 10.76
CA VAL B 438 -20.30 3.38 11.39
C VAL B 438 -20.29 4.61 12.31
N ASP B 439 -19.21 4.77 13.06
CA ASP B 439 -19.18 5.80 14.11
C ASP B 439 -18.94 7.20 13.53
N ARG B 440 -18.10 7.30 12.50
CA ARG B 440 -17.79 8.60 11.90
C ARG B 440 -18.92 9.10 11.02
N LYS B 441 -19.36 10.34 11.31
CA LYS B 441 -20.35 11.01 10.49
C LYS B 441 -19.67 12.03 9.59
N GLN B 442 -20.17 12.14 8.38
CA GLN B 442 -19.77 13.22 7.48
C GLN B 442 -20.86 13.39 6.46
N PHE B 443 -21.15 14.66 6.09
CA PHE B 443 -22.28 14.96 5.23
C PHE B 443 -23.60 14.49 5.87
N GLY B 444 -23.70 14.46 7.19
CA GLY B 444 -24.92 14.16 7.86
C GLY B 444 -25.27 12.71 8.01
N LYS B 445 -24.34 11.82 7.74
CA LYS B 445 -24.64 10.40 7.86
C LYS B 445 -23.35 9.65 8.17
N SER B 446 -23.46 8.39 8.59
CA SER B 446 -22.29 7.56 8.77
C SER B 446 -21.60 7.32 7.43
N LEU B 447 -20.28 7.27 7.47
CA LEU B 447 -19.49 7.02 6.28
C LEU B 447 -19.90 5.77 5.53
N ILE B 448 -20.39 4.75 6.25
CA ILE B 448 -20.75 3.48 5.63
C ILE B 448 -21.91 3.62 4.70
N GLU B 449 -22.63 4.73 4.75
CA GLU B 449 -23.70 4.95 3.80
C GLU B 449 -23.22 5.30 2.39
N PHE B 450 -21.95 5.63 2.24
CA PHE B 450 -21.38 5.96 0.94
C PHE B 450 -20.78 4.72 0.29
N PRO B 451 -21.13 4.40 -0.95
CA PRO B 451 -20.59 3.18 -1.55
C PRO B 451 -19.08 3.11 -1.56
N ARG B 452 -18.34 4.20 -1.71
CA ARG B 452 -16.89 4.06 -1.72
C ARG B 452 -16.34 3.60 -0.37
N VAL B 453 -17.10 3.73 0.71
CA VAL B 453 -16.71 3.19 1.99
C VAL B 453 -17.24 1.76 2.12
N ALA B 454 -18.53 1.61 1.87
CA ALA B 454 -19.15 0.31 2.04
C ALA B 454 -18.55 -0.73 1.09
N ASP B 455 -18.20 -0.34 -0.15
CA ASP B 455 -17.62 -1.28 -1.10
C ASP B 455 -16.28 -1.74 -0.62
N LYS B 456 -15.47 -0.86 -0.02
CA LYS B 456 -14.19 -1.30 0.50
C LYS B 456 -14.40 -2.39 1.53
N LEU B 457 -15.36 -2.19 2.43
CA LEU B 457 -15.61 -3.17 3.50
C LEU B 457 -16.16 -4.48 2.95
N ALA B 458 -17.09 -4.38 2.00
CA ALA B 458 -17.63 -5.58 1.37
C ALA B 458 -16.52 -6.40 0.72
N MET B 459 -15.63 -5.76 -0.02
CA MET B 459 -14.58 -6.49 -0.69
C MET B 459 -13.63 -7.09 0.32
N MET B 460 -13.40 -6.46 1.48
CA MET B 460 -12.59 -7.09 2.52
C MET B 460 -13.23 -8.37 3.00
N ALA B 461 -14.52 -8.33 3.28
CA ALA B 461 -15.16 -9.51 3.81
C ALA B 461 -15.07 -10.65 2.80
N VAL B 462 -15.25 -10.35 1.51
CA VAL B 462 -15.17 -11.36 0.49
C VAL B 462 -13.76 -11.93 0.42
N GLU B 463 -12.74 -11.07 0.29
CA GLU B 463 -11.40 -11.58 0.11
C GLU B 463 -10.87 -12.27 1.36
N ILE B 464 -11.21 -11.80 2.54
CA ILE B 464 -10.87 -12.48 3.77
C ILE B 464 -11.44 -13.90 3.77
N MET B 465 -12.70 -14.08 3.37
CA MET B 465 -13.23 -15.42 3.34
C MET B 465 -12.58 -16.30 2.29
N ILE B 466 -12.24 -15.75 1.12
CA ILE B 466 -11.51 -16.50 0.12
C ILE B 466 -10.17 -16.96 0.69
N ALA B 467 -9.41 -16.04 1.27
CA ALA B 467 -8.12 -16.42 1.86
C ALA B 467 -8.26 -17.39 3.00
N ARG B 468 -9.26 -17.20 3.84
CA ARG B 468 -9.53 -18.13 4.94
C ARG B 468 -9.79 -19.53 4.42
N GLN B 469 -10.61 -19.68 3.37
CA GLN B 469 -10.94 -21.03 2.89
C GLN B 469 -9.73 -21.66 2.20
N LEU B 470 -8.89 -20.90 1.53
CA LEU B 470 -7.65 -21.46 0.99
C LEU B 470 -6.75 -21.95 2.13
N THR B 471 -6.66 -21.18 3.20
CA THR B 471 -5.81 -21.55 4.34
C THR B 471 -6.34 -22.80 5.00
N TYR B 472 -7.67 -22.84 5.25
CA TYR B 472 -8.28 -24.00 5.90
C TYR B 472 -8.18 -25.23 5.02
N PHE B 473 -8.24 -25.10 3.71
CA PHE B 473 -8.03 -26.27 2.85
C PHE B 473 -6.61 -26.78 3.00
N SER B 474 -5.64 -25.88 3.03
CA SER B 474 -4.26 -26.32 3.18
CA SER B 474 -4.26 -26.30 3.20
C SER B 474 -4.08 -27.08 4.50
N ALA B 475 -4.67 -26.58 5.58
CA ALA B 475 -4.58 -27.25 6.86
C ALA B 475 -5.29 -28.58 6.84
N TRP B 476 -6.43 -28.66 6.16
CA TRP B 476 -7.14 -29.93 6.02
C TRP B 476 -6.24 -30.96 5.38
N GLU B 477 -5.60 -30.58 4.30
CA GLU B 477 -4.71 -31.51 3.62
C GLU B 477 -3.57 -31.92 4.55
N LYS B 478 -2.98 -30.95 5.25
CA LYS B 478 -1.85 -31.27 6.13
C LYS B 478 -2.28 -32.18 7.26
N ASP B 479 -3.48 -31.96 7.80
CA ASP B 479 -3.97 -32.77 8.91
C ASP B 479 -4.28 -34.20 8.48
N HIS B 480 -4.42 -34.42 7.19
CA HIS B 480 -4.55 -35.78 6.68
C HIS B 480 -3.23 -36.31 6.16
N GLY B 481 -2.13 -35.63 6.42
CA GLY B 481 -0.84 -36.09 5.98
C GLY B 481 -0.59 -36.06 4.50
N ARG B 482 -1.39 -35.31 3.74
CA ARG B 482 -1.14 -35.18 2.32
C ARG B 482 -0.20 -34.02 2.01
N ARG B 483 0.50 -34.11 0.87
CA ARG B 483 1.38 -33.05 0.43
C ARG B 483 0.50 -31.85 0.11
N CYS B 484 0.95 -30.67 0.57
CA CYS B 484 0.10 -29.48 0.44
C CYS B 484 0.97 -28.23 0.26
N ASP B 485 2.19 -28.37 -0.25
CA ASP B 485 3.05 -27.21 -0.40
C ASP B 485 2.48 -26.21 -1.40
N LEU B 486 1.87 -26.68 -2.47
CA LEU B 486 1.27 -25.80 -3.47
C LEU B 486 0.14 -24.99 -2.85
N GLU B 487 -0.79 -25.69 -2.19
CA GLU B 487 -1.95 -25.03 -1.63
C GLU B 487 -1.56 -24.07 -0.51
N ALA B 488 -0.64 -24.48 0.37
CA ALA B 488 -0.23 -23.60 1.45
C ALA B 488 0.45 -22.37 0.88
N GLY B 489 1.29 -22.55 -0.15
CA GLY B 489 1.92 -21.42 -0.82
C GLY B 489 0.94 -20.45 -1.43
N MET B 490 -0.11 -20.97 -2.05
CA MET B 490 -1.15 -20.12 -2.61
C MET B 490 -1.85 -19.33 -1.53
N ALA B 491 -2.15 -19.97 -0.38
CA ALA B 491 -2.79 -19.28 0.73
C ALA B 491 -1.92 -18.16 1.26
N LYS B 492 -0.61 -18.39 1.35
CA LYS B 492 0.34 -17.36 1.77
C LYS B 492 0.44 -16.22 0.75
N LEU B 493 0.46 -16.55 -0.54
CA LEU B 493 0.54 -15.55 -1.56
C LEU B 493 -0.69 -14.66 -1.56
N LEU B 494 -1.87 -15.27 -1.59
CA LEU B 494 -3.10 -14.48 -1.64
C LEU B 494 -3.34 -13.76 -0.32
N GLY B 495 -3.12 -14.47 0.81
CA GLY B 495 -3.43 -13.88 2.08
C GLY B 495 -2.65 -12.61 2.38
N ALA B 496 -1.34 -12.62 2.08
CA ALA B 496 -0.56 -11.42 2.35
C ALA B 496 -1.09 -10.21 1.58
N ARG B 497 -1.49 -10.42 0.33
CA ARG B 497 -2.01 -9.33 -0.49
C ARG B 497 -3.33 -8.86 0.04
N VAL B 498 -4.19 -9.80 0.43
CA VAL B 498 -5.49 -9.45 0.95
C VAL B 498 -5.35 -8.59 2.20
N ALA B 499 -4.44 -8.97 3.10
CA ALA B 499 -4.25 -8.21 4.33
C ALA B 499 -3.75 -6.80 4.05
N TRP B 500 -2.78 -6.69 3.14
CA TRP B 500 -2.22 -5.37 2.76
C TRP B 500 -3.32 -4.48 2.18
N ALA B 501 -4.07 -5.00 1.21
CA ALA B 501 -5.15 -4.21 0.63
C ALA B 501 -6.20 -3.82 1.67
N ALA B 502 -6.50 -4.73 2.61
CA ALA B 502 -7.51 -4.44 3.63
C ALA B 502 -7.03 -3.33 4.56
N ALA B 503 -5.77 -3.39 4.98
CA ALA B 503 -5.22 -2.33 5.84
C ALA B 503 -5.18 -0.99 5.10
N ASP B 504 -4.77 -0.99 3.82
CA ASP B 504 -4.68 0.24 3.02
C ASP B 504 -6.06 0.87 2.92
N ASN B 505 -7.06 0.09 2.54
CA ASN B 505 -8.40 0.65 2.40
C ASN B 505 -9.10 0.98 3.73
N ALA B 506 -8.80 0.26 4.79
CA ALA B 506 -9.33 0.66 6.09
C ALA B 506 -8.74 1.98 6.55
N LEU B 507 -7.45 2.21 6.28
CA LEU B 507 -6.85 3.50 6.60
C LEU B 507 -7.55 4.59 5.82
N GLN B 508 -7.85 4.34 4.54
CA GLN B 508 -8.51 5.35 3.73
C GLN B 508 -9.81 5.79 4.38
N ILE B 509 -10.58 4.84 4.90
CA ILE B 509 -11.86 5.13 5.54
C ILE B 509 -11.68 6.08 6.71
N HIS B 510 -10.54 6.04 7.41
CA HIS B 510 -10.30 6.91 8.53
C HIS B 510 -9.96 8.36 8.13
N GLY B 511 -9.62 8.58 6.87
CA GLY B 511 -9.12 9.90 6.48
C GLY B 511 -7.87 10.26 7.23
N GLY B 512 -7.72 11.54 7.61
CA GLY B 512 -6.48 11.93 8.26
C GLY B 512 -6.18 11.15 9.51
N ASN B 513 -7.22 10.80 10.25
CA ASN B 513 -7.06 10.05 11.49
C ASN B 513 -6.39 8.70 11.28
N GLY B 514 -6.39 8.21 10.05
CA GLY B 514 -5.71 6.97 9.76
C GLY B 514 -4.21 7.02 9.99
N PHE B 515 -3.61 8.22 10.01
CA PHE B 515 -2.19 8.37 10.25
C PHE B 515 -1.86 8.60 11.72
N ALA B 516 -2.85 8.85 12.57
CA ALA B 516 -2.58 9.14 13.97
C ALA B 516 -2.26 7.84 14.70
N LEU B 517 -1.17 7.86 15.48
CA LEU B 517 -0.78 6.62 16.19
C LEU B 517 -1.83 6.20 17.19
N GLU B 518 -2.65 7.14 17.65
CA GLU B 518 -3.77 6.84 18.52
C GLU B 518 -4.79 5.90 17.89
N TYR B 519 -4.85 5.84 16.57
CA TYR B 519 -5.75 4.97 15.85
C TYR B 519 -4.94 3.72 15.44
N ALA B 520 -5.48 2.60 15.77
CA ALA B 520 -4.75 1.35 15.58
C ALA B 520 -4.41 1.07 14.13
N ILE B 521 -5.18 1.60 13.18
CA ILE B 521 -4.97 1.24 11.78
C ILE B 521 -3.60 1.66 11.27
N SER B 522 -3.00 2.72 11.84
CA SER B 522 -1.65 3.13 11.45
C SER B 522 -0.64 2.04 11.73
N ARG B 523 -0.78 1.37 12.87
CA ARG B 523 0.05 0.22 13.20
C ARG B 523 -0.28 -1.01 12.34
N VAL B 524 -1.56 -1.29 12.17
CA VAL B 524 -2.00 -2.43 11.36
C VAL B 524 -1.48 -2.34 9.92
N LEU B 525 -1.44 -1.13 9.36
CA LEU B 525 -0.87 -0.94 8.02
C LEU B 525 0.55 -1.51 7.95
N CYS B 526 1.36 -1.17 8.92
CA CYS B 526 2.75 -1.59 8.94
C CYS B 526 2.86 -3.08 9.17
N ASP B 527 2.03 -3.64 10.05
CA ASP B 527 2.00 -5.07 10.27
C ASP B 527 1.66 -5.80 9.00
N ALA B 528 0.66 -5.33 8.28
CA ALA B 528 0.21 -5.99 7.08
C ALA B 528 1.29 -5.97 6.00
N ARG B 529 2.10 -4.90 5.96
CA ARG B 529 3.09 -4.79 4.90
C ARG B 529 4.18 -5.85 4.98
N ILE B 530 4.49 -6.31 6.19
CA ILE B 530 5.57 -7.28 6.30
C ILE B 530 5.21 -8.65 5.76
N LEU B 531 3.93 -8.94 5.58
CA LEU B 531 3.49 -10.30 5.36
C LEU B 531 4.03 -10.94 4.08
N ASN B 532 4.29 -10.15 3.06
CA ASN B 532 4.80 -10.67 1.79
C ASN B 532 6.31 -10.58 1.67
N ILE B 533 7.00 -10.41 2.80
CA ILE B 533 8.43 -10.35 2.89
C ILE B 533 9.01 -11.21 4.02
N PHE B 534 8.46 -11.12 5.23
CA PHE B 534 9.13 -11.59 6.44
C PHE B 534 9.34 -13.09 6.54
N GLU B 535 8.55 -13.88 5.82
CA GLU B 535 8.70 -15.32 5.74
C GLU B 535 9.06 -15.73 4.32
N GLY B 536 9.64 -14.80 3.56
CA GLY B 536 10.00 -15.01 2.20
C GLY B 536 9.23 -14.06 1.30
N ALA B 537 9.89 -13.54 0.29
CA ALA B 537 9.25 -12.62 -0.62
C ALA B 537 8.20 -13.26 -1.52
N ALA B 538 7.12 -12.53 -1.79
CA ALA B 538 6.09 -13.05 -2.65
C ALA B 538 6.59 -13.46 -4.03
N GLU B 539 7.65 -12.79 -4.51
CA GLU B 539 8.22 -13.14 -5.79
C GLU B 539 8.78 -14.53 -5.76
N ILE B 540 9.46 -14.88 -4.68
CA ILE B 540 10.01 -16.24 -4.55
C ILE B 540 8.89 -17.26 -4.35
N GLN B 541 7.86 -16.92 -3.58
CA GLN B 541 6.75 -17.85 -3.40
C GLN B 541 6.09 -18.14 -4.75
N ALA B 542 5.91 -17.14 -5.60
CA ALA B 542 5.34 -17.37 -6.92
C ALA B 542 6.26 -18.19 -7.82
N GLN B 543 7.59 -18.02 -7.65
CA GLN B 543 8.54 -18.81 -8.41
C GLN B 543 8.42 -20.30 -8.04
N VAL B 544 8.38 -20.61 -6.74
CA VAL B 544 8.30 -21.99 -6.27
C VAL B 544 7.01 -22.63 -6.74
N ILE B 545 5.90 -21.90 -6.69
CA ILE B 545 4.65 -22.45 -7.19
C ILE B 545 4.77 -22.76 -8.67
N ALA B 546 5.35 -21.84 -9.45
CA ALA B 546 5.38 -22.07 -10.89
C ALA B 546 6.24 -23.28 -11.24
N ARG B 547 7.35 -23.45 -10.52
CA ARG B 547 8.19 -24.58 -10.81
C ARG B 547 7.46 -25.87 -10.49
N ARG B 548 6.71 -25.90 -9.39
CA ARG B 548 5.94 -27.08 -9.05
C ARG B 548 4.85 -27.36 -10.07
N LEU B 549 4.21 -26.32 -10.57
CA LEU B 549 3.15 -26.53 -11.55
C LEU B 549 3.68 -27.05 -12.87
N LEU B 550 4.94 -26.82 -13.18
CA LEU B 550 5.51 -27.39 -14.39
C LEU B 550 5.82 -28.86 -14.25
N ASP B 551 5.91 -29.34 -13.02
CA ASP B 551 6.23 -30.74 -12.79
C ASP B 551 5.42 -31.64 -13.70
S SO4 C . -15.68 19.97 16.57
O1 SO4 C . -14.68 19.77 17.63
O2 SO4 C . -16.92 19.26 16.94
O3 SO4 C . -15.23 19.57 15.29
O4 SO4 C . -15.98 21.40 16.62
S SO4 D . -19.70 10.24 -31.09
O1 SO4 D . -18.67 9.92 -30.11
O2 SO4 D . -20.09 9.02 -31.80
O3 SO4 D . -19.20 11.10 -32.13
O4 SO4 D . -20.92 10.71 -30.42
N1A COA E . 2.11 20.98 -23.29
C2A COA E . 2.62 21.88 -24.10
N3A COA E . 1.95 22.31 -25.18
C4A COA E . 0.76 21.81 -25.45
C5A COA E . 0.19 20.84 -24.58
C6A COA E . 0.92 20.49 -23.52
N6A COA E . 0.41 19.45 -22.66
N7A COA E . -1.11 20.48 -25.13
C8A COA E . -1.24 21.23 -26.23
N9A COA E . -0.16 21.97 -26.40
C1B COA E . 0.04 22.90 -27.47
C2B COA E . -0.01 22.26 -28.81
O2B COA E . 1.23 21.60 -29.16
C3B COA E . -0.27 23.37 -29.72
O3B COA E . 0.98 24.07 -29.97
P3B COA E . 1.42 24.59 -31.46
O7A COA E . 1.18 23.67 -32.57
O8A COA E . 0.76 25.83 -31.87
O9A COA E . 2.85 24.91 -31.56
C4B COA E . -1.21 24.25 -28.97
O4B COA E . -1.05 23.94 -27.52
C5B COA E . -2.61 23.97 -29.38
O5B COA E . -2.75 22.58 -29.59
P1A COA E . -4.19 21.85 -29.22
O1A COA E . -4.09 20.39 -29.32
O2A COA E . -4.54 22.03 -27.82
O3A COA E . -5.42 22.42 -30.20
PA FAD F . -13.52 12.40 6.59
O1A FAD F . -14.13 13.51 5.95
O2A FAD F . -13.94 12.00 7.97
O5B FAD F . -13.60 11.14 5.53
C5B FAD F . -13.03 9.97 5.96
C4B FAD F . -12.99 9.07 4.69
O4B FAD F . -14.23 8.82 4.38
C3B FAD F . -12.36 9.78 3.48
O3B FAD F . -11.01 9.64 3.46
C2B FAD F . -13.17 9.12 2.36
O2B FAD F . -12.40 7.88 1.97
C1B FAD F . -14.39 8.81 2.84
N9A FAD F . -15.48 9.71 2.52
C8A FAD F . -15.83 10.80 3.18
N7A FAD F . -16.85 11.36 2.60
C5A FAD F . -17.17 10.59 1.57
C6A FAD F . -18.15 10.69 0.67
N6A FAD F . -19.16 11.66 0.48
N1A FAD F . -18.28 9.81 -0.29
C2A FAD F . -17.43 8.78 -0.32
N3A FAD F . -16.46 8.66 0.57
C4A FAD F . -16.35 9.56 1.52
N1 FAD F . -6.30 20.36 7.10
C2 FAD F . -6.18 21.78 7.32
O2 FAD F . -7.07 22.43 7.49
N3 FAD F . -4.85 22.33 7.29
C4 FAD F . -3.67 21.57 7.08
O4 FAD F . -2.64 22.01 7.10
C4X FAD F . -3.89 20.12 6.86
N5 FAD F . -2.78 19.33 6.63
C5X FAD F . -2.95 17.91 6.73
C6 FAD F . -1.83 17.13 6.79
C7 FAD F . -1.96 15.77 6.90
C7M FAD F . -0.67 15.00 6.98
C8 FAD F . -3.20 15.24 6.92
C8M FAD F . -3.34 13.74 7.05
C9 FAD F . -4.29 16.03 6.87
C9A FAD F . -4.18 17.37 6.77
N10 FAD F . -5.37 18.18 6.72
C10 FAD F . -5.17 19.56 6.89
C1' FAD F . -6.70 17.63 6.81
C2' FAD F . -7.21 17.03 5.51
O2' FAD F . -7.61 18.07 4.71
C3' FAD F . -8.37 16.10 5.88
O3' FAD F . -7.80 15.02 6.48
C4' FAD F . -9.12 15.65 4.63
O4' FAD F . -9.84 16.68 4.12
C5' FAD F . -10.05 14.48 4.91
O5' FAD F . -10.97 14.86 5.89
P FAD F . -11.11 13.95 7.22
O1P FAD F . -9.80 13.47 7.68
O2P FAD F . -11.96 14.62 8.22
O3P FAD F . -11.91 12.63 6.66
S SO4 G . 27.48 -11.35 5.24
O1 SO4 G . 28.06 -12.62 5.74
O2 SO4 G . 26.15 -11.60 4.89
O3 SO4 G . 28.25 -10.96 4.06
O4 SO4 G . 27.64 -10.34 6.31
S SO4 H . -8.45 -30.81 -20.94
O1 SO4 H . -8.27 -31.82 -19.91
O2 SO4 H . -7.29 -30.88 -21.84
O3 SO4 H . -8.52 -29.50 -20.28
O4 SO4 H . -9.67 -31.19 -21.63
N1A COA I . -12.49 -28.50 4.10
C2A COA I . -13.15 -29.50 4.66
N3A COA I . -13.48 -30.62 3.99
C4A COA I . -13.12 -30.71 2.72
C5A COA I . -12.38 -29.66 2.09
C6A COA I . -12.11 -28.56 2.85
N6A COA I . -11.42 -27.46 2.22
N7A COA I . -12.13 -30.06 0.72
C8A COA I . -12.69 -31.27 0.59
N9A COA I . -13.25 -31.61 1.73
C1B COA I . -13.92 -32.83 2.00
C2B COA I . -15.10 -33.05 1.11
O2B COA I . -16.28 -32.36 1.60
C3B COA I . -15.31 -34.48 1.16
O3B COA I . -15.98 -34.78 2.41
P3B COA I . -17.06 -36.01 2.54
O7A COA I . -16.48 -37.31 2.20
O8A COA I . -18.23 -35.89 1.65
O9A COA I . -17.58 -36.17 3.89
C4B COA I . -13.93 -35.03 1.13
O4B COA I . -13.03 -34.01 1.74
C5B COA I . -13.47 -35.28 -0.27
O5B COA I . -13.46 -34.08 -1.01
P1A COA I . -12.64 -34.07 -2.46
O1A COA I . -12.07 -35.61 -2.80
O2A COA I . -13.45 -33.56 -3.55
O3A COA I . -11.55 -33.10 -2.44
PA FAD J . 16.51 -10.14 -0.93
O1A FAD J . 16.73 -11.56 -1.09
O2A FAD J . 17.73 -9.25 -0.97
O5B FAD J . 15.42 -9.75 -2.10
C5B FAD J . 14.99 -8.44 -2.13
C4B FAD J . 13.80 -8.41 -3.10
O4B FAD J . 14.23 -8.76 -4.28
C3B FAD J . 12.72 -9.44 -2.70
O3B FAD J . 11.87 -8.92 -1.77
C2B FAD J . 12.15 -9.76 -4.08
O2B FAD J . 11.06 -8.77 -4.34
C1B FAD J . 13.14 -9.62 -4.98
N9A FAD J . 13.82 -10.84 -5.44
C8A FAD J . 14.85 -11.44 -4.90
N7A FAD J . 15.19 -12.47 -5.59
C5A FAD J . 14.38 -12.50 -6.62
C6A FAD J . 14.34 -13.35 -7.66
N6A FAD J . 15.12 -14.51 -7.98
N1A FAD J . 13.42 -13.19 -8.60
C2A FAD J . 12.59 -12.15 -8.50
N3A FAD J . 12.64 -11.29 -7.46
C4A FAD J . 13.56 -11.47 -6.55
N1 FAD J . 15.01 -14.06 8.95
C2 FAD J . 15.51 -15.02 9.91
O2 FAD J . 16.34 -15.66 9.66
N3 FAD J . 14.87 -15.07 11.19
C4 FAD J . 13.81 -14.25 11.57
O4 FAD J . 13.37 -14.29 12.60
C4X FAD J . 13.34 -13.29 10.55
N5 FAD J . 12.30 -12.47 10.87
C5X FAD J . 12.03 -11.33 10.02
C6 FAD J . 11.18 -10.35 10.47
C7 FAD J . 10.94 -9.27 9.65
C7M FAD J . 9.99 -8.28 10.28
C8 FAD J . 11.52 -9.21 8.40
C8M FAD J . 11.22 -7.99 7.53
C9 FAD J . 12.37 -10.20 7.97
C9A FAD J . 12.63 -11.26 8.79
N10 FAD J . 13.53 -12.29 8.33
C10 FAD J . 13.96 -13.21 9.29
C1' FAD J . 14.22 -12.19 7.06
C2' FAD J . 13.35 -12.56 5.88
O2' FAD J . 13.26 -13.91 5.81
C3' FAD J . 14.00 -11.96 4.61
O3' FAD J . 13.83 -10.58 4.70
C4' FAD J . 13.38 -12.51 3.32
O4' FAD J . 13.75 -13.82 3.15
C5' FAD J . 13.82 -11.70 2.11
O5' FAD J . 15.21 -11.75 2.02
P FAD J . 16.03 -10.34 1.92
O1P FAD J . 15.45 -9.39 2.84
O2P FAD J . 17.46 -10.64 2.00
O3P FAD J . 15.67 -9.82 0.41
#